data_8TE0
# 
_entry.id   8TE0 
# 
_audit_conform.dict_name       mmcif_pdbx.dic 
_audit_conform.dict_version    5.395 
_audit_conform.dict_location   http://mmcif.pdb.org/dictionaries/ascii/mmcif_pdbx.dic 
# 
loop_
_database_2.database_id 
_database_2.database_code 
_database_2.pdbx_database_accession 
_database_2.pdbx_DOI 
PDB   8TE0         pdb_00008te0 10.2210/pdb8te0/pdb 
WWPDB D_1000275654 ?            ?                   
# 
loop_
_pdbx_audit_revision_history.ordinal 
_pdbx_audit_revision_history.data_content_type 
_pdbx_audit_revision_history.major_revision 
_pdbx_audit_revision_history.minor_revision 
_pdbx_audit_revision_history.revision_date 
1 'Structure model' 1 0 2024-06-12 
2 'Structure model' 1 1 2024-06-26 
# 
_pdbx_audit_revision_details.ordinal             1 
_pdbx_audit_revision_details.revision_ordinal    1 
_pdbx_audit_revision_details.data_content_type   'Structure model' 
_pdbx_audit_revision_details.provider            repository 
_pdbx_audit_revision_details.type                'Initial release' 
_pdbx_audit_revision_details.description         ? 
_pdbx_audit_revision_details.details             ? 
# 
_pdbx_audit_revision_group.ordinal             1 
_pdbx_audit_revision_group.revision_ordinal    2 
_pdbx_audit_revision_group.data_content_type   'Structure model' 
_pdbx_audit_revision_group.group               'Database references' 
# 
loop_
_pdbx_audit_revision_category.ordinal 
_pdbx_audit_revision_category.revision_ordinal 
_pdbx_audit_revision_category.data_content_type 
_pdbx_audit_revision_category.category 
1 2 'Structure model' citation        
2 2 'Structure model' citation_author 
# 
loop_
_pdbx_audit_revision_item.ordinal 
_pdbx_audit_revision_item.revision_ordinal 
_pdbx_audit_revision_item.data_content_type 
_pdbx_audit_revision_item.item 
1 2 'Structure model' '_citation.journal_volume'          
2 2 'Structure model' '_citation.page_first'              
3 2 'Structure model' '_citation.page_last'               
4 2 'Structure model' '_citation_author.identifier_ORCID' 
# 
_pdbx_database_status.status_code                     REL 
_pdbx_database_status.status_code_sf                  REL 
_pdbx_database_status.status_code_mr                  ? 
_pdbx_database_status.entry_id                        8TE0 
_pdbx_database_status.recvd_initial_deposition_date   2023-07-05 
_pdbx_database_status.SG_entry                        N 
_pdbx_database_status.deposit_site                    RCSB 
_pdbx_database_status.process_site                    RCSB 
_pdbx_database_status.status_code_cs                  ? 
_pdbx_database_status.status_code_nmr_data            ? 
_pdbx_database_status.methods_development_category    ? 
_pdbx_database_status.pdb_format_compatible           Y 
# 
_pdbx_contact_author.id                 2 
_pdbx_contact_author.email              jwszostak@uchicago.edu 
_pdbx_contact_author.name_first         Jack 
_pdbx_contact_author.name_last          Szostak 
_pdbx_contact_author.name_mi            W. 
_pdbx_contact_author.role               'principal investigator/group leader' 
_pdbx_contact_author.identifier_ORCID   0000-0003-4131-1203 
# 
loop_
_audit_author.name 
_audit_author.pdbx_ordinal 
_audit_author.identifier_ORCID 
'Fang, Z.'      1 0000-0001-8679-6633 
'Jia, X.'       2 0000-0001-9094-9882 
'Szostak, J.W.' 3 0000-0003-4131-1203 
# 
_citation.abstract                  ? 
_citation.abstract_id_CAS           ? 
_citation.book_id_ISBN              ? 
_citation.book_publisher            ? 
_citation.book_publisher_city       ? 
_citation.book_title                ? 
_citation.coordinate_linkage        ? 
_citation.country                   US 
_citation.database_id_Medline       ? 
_citation.details                   ? 
_citation.id                        primary 
_citation.journal_abbrev            J.Am.Chem.Soc. 
_citation.journal_id_ASTM           JACSAT 
_citation.journal_id_CSD            ? 
_citation.journal_id_ISSN           1520-5126 
_citation.journal_full              ? 
_citation.journal_issue             ? 
_citation.journal_volume            146 
_citation.language                  ? 
_citation.page_first                15897 
_citation.page_last                 15907 
_citation.title                     'Diaminopurine in Nonenzymatic RNA Template Copying.' 
_citation.year                      2024 
_citation.database_id_CSD           ? 
_citation.pdbx_database_id_DOI      10.1021/jacs.4c02560 
_citation.pdbx_database_id_PubMed   38818863 
_citation.pdbx_database_id_patent   ? 
_citation.unpublished_flag          ? 
# 
loop_
_citation_author.citation_id 
_citation_author.name 
_citation_author.ordinal 
_citation_author.identifier_ORCID 
primary 'Jia, X.'       1 ? 
primary 'Fang, Z.'      2 ? 
primary 'Kim, S.C.'     3 ? 
primary 'Ding, D.'      4 ? 
primary 'Zhou, L.'      5 ? 
primary 'Szostak, J.W.' 6 ? 
# 
loop_
_entity.id 
_entity.type 
_entity.src_method 
_entity.pdbx_description 
_entity.formula_weight 
_entity.pdbx_number_of_molecules 
_entity.pdbx_ec 
_entity.pdbx_mutation 
_entity.pdbx_fragment 
_entity.details 
1 polymer     syn RNA             5097.094 1  ? ? ? ? 
2 non-polymer syn 'MAGNESIUM ION' 24.305   1  ? ? ? ? 
3 water       nat water           18.015   79 ? ? ? ? 
# 
_entity_poly.entity_id                      1 
_entity_poly.type                           polyribonucleotide 
_entity_poly.nstd_linkage                   no 
_entity_poly.nstd_monomer                   yes 
_entity_poly.pdbx_seq_one_letter_code       'AGAG(N6G)AGAUCUCCUCU' 
_entity_poly.pdbx_seq_one_letter_code_can   AGAGGAGAUCUCCUCU 
_entity_poly.pdbx_strand_id                 A 
_entity_poly.pdbx_target_identifier         ? 
# 
loop_
_pdbx_entity_nonpoly.entity_id 
_pdbx_entity_nonpoly.name 
_pdbx_entity_nonpoly.comp_id 
2 'MAGNESIUM ION' MG  
3 water           HOH 
# 
loop_
_entity_poly_seq.entity_id 
_entity_poly_seq.num 
_entity_poly_seq.mon_id 
_entity_poly_seq.hetero 
1 1  A   n 
1 2  G   n 
1 3  A   n 
1 4  G   n 
1 5  N6G n 
1 6  A   n 
1 7  G   n 
1 8  A   n 
1 9  U   n 
1 10 C   n 
1 11 U   n 
1 12 C   n 
1 13 C   n 
1 14 U   n 
1 15 C   n 
1 16 U   n 
# 
_pdbx_entity_src_syn.entity_id              1 
_pdbx_entity_src_syn.pdbx_src_id            1 
_pdbx_entity_src_syn.pdbx_alt_source_flag   sample 
_pdbx_entity_src_syn.pdbx_beg_seq_num       1 
_pdbx_entity_src_syn.pdbx_end_seq_num       16 
_pdbx_entity_src_syn.organism_scientific    'synthetic construct' 
_pdbx_entity_src_syn.organism_common_name   ? 
_pdbx_entity_src_syn.ncbi_taxonomy_id       32630 
_pdbx_entity_src_syn.details                ? 
# 
loop_
_chem_comp.id 
_chem_comp.type 
_chem_comp.mon_nstd_flag 
_chem_comp.name 
_chem_comp.pdbx_synonyms 
_chem_comp.formula 
_chem_comp.formula_weight 
A   'RNA linking' y "ADENOSINE-5'-MONOPHOSPHATE"                                                                                  
? 'C10 H14 N5 O7 P' 347.221 
C   'RNA linking' y "CYTIDINE-5'-MONOPHOSPHATE"                                                                                   
? 'C9 H14 N3 O8 P'  323.197 
G   'RNA linking' y "GUANOSINE-5'-MONOPHOSPHATE"                                                                                  
? 'C10 H14 N5 O8 P' 363.221 
HOH non-polymer   . WATER                                                                                                         
? 'H2 O'            18.015  
MG  non-polymer   . 'MAGNESIUM ION'                                                                                               
? 'Mg 2'            24.305  
N6G 'RNA linking' n '((2R,3S,4R,5S)-5-(2,6-DIAMINO-9H-PURIN-9-YL)-3,4-DIHYDROXY-TETRAHYDROFURAN-2-YL)METHYL DIHYDROGEN PHOSPHATE' 
? 'C10 H15 N6 O7 P' 362.236 
U   'RNA linking' y "URIDINE-5'-MONOPHOSPHATE"                                                                                    
? 'C9 H13 N2 O9 P'  324.181 
# 
loop_
_pdbx_poly_seq_scheme.asym_id 
_pdbx_poly_seq_scheme.entity_id 
_pdbx_poly_seq_scheme.seq_id 
_pdbx_poly_seq_scheme.mon_id 
_pdbx_poly_seq_scheme.ndb_seq_num 
_pdbx_poly_seq_scheme.pdb_seq_num 
_pdbx_poly_seq_scheme.auth_seq_num 
_pdbx_poly_seq_scheme.pdb_mon_id 
_pdbx_poly_seq_scheme.auth_mon_id 
_pdbx_poly_seq_scheme.pdb_strand_id 
_pdbx_poly_seq_scheme.pdb_ins_code 
_pdbx_poly_seq_scheme.hetero 
A 1 1  A   1  1  1  A   A   A . n 
A 1 2  G   2  2  2  G   G   A . n 
A 1 3  A   3  3  3  A   A   A . n 
A 1 4  G   4  4  4  G   G   A . n 
A 1 5  N6G 5  5  5  N6G DAP A . n 
A 1 6  A   6  6  6  A   A   A . n 
A 1 7  G   7  7  7  G   G   A . n 
A 1 8  A   8  8  8  A   A   A . n 
A 1 9  U   9  9  9  U   U   A . n 
A 1 10 C   10 10 10 C   C   A . n 
A 1 11 U   11 11 11 U   U   A . n 
A 1 12 C   12 12 12 C   C   A . n 
A 1 13 C   13 13 13 C   C   A . n 
A 1 14 U   14 14 14 U   U   A . n 
A 1 15 C   15 15 15 C   C   A . n 
A 1 16 U   16 16 16 U   U   A . n 
# 
loop_
_pdbx_nonpoly_scheme.asym_id 
_pdbx_nonpoly_scheme.entity_id 
_pdbx_nonpoly_scheme.mon_id 
_pdbx_nonpoly_scheme.ndb_seq_num 
_pdbx_nonpoly_scheme.pdb_seq_num 
_pdbx_nonpoly_scheme.auth_seq_num 
_pdbx_nonpoly_scheme.pdb_mon_id 
_pdbx_nonpoly_scheme.auth_mon_id 
_pdbx_nonpoly_scheme.pdb_strand_id 
_pdbx_nonpoly_scheme.pdb_ins_code 
B 2 MG  1  101 1  MG  MG  A . 
C 3 HOH 1  201 75 HOH HOH A . 
C 3 HOH 2  202 41 HOH HOH A . 
C 3 HOH 3  203 80 HOH HOH A . 
C 3 HOH 4  204 42 HOH HOH A . 
C 3 HOH 5  205 43 HOH HOH A . 
C 3 HOH 6  206 23 HOH HOH A . 
C 3 HOH 7  207 3  HOH HOH A . 
C 3 HOH 8  208 18 HOH HOH A . 
C 3 HOH 9  209 67 HOH HOH A . 
C 3 HOH 10 210 51 HOH HOH A . 
C 3 HOH 11 211 37 HOH HOH A . 
C 3 HOH 12 212 11 HOH HOH A . 
C 3 HOH 13 213 19 HOH HOH A . 
C 3 HOH 14 214 56 HOH HOH A . 
C 3 HOH 15 215 59 HOH HOH A . 
C 3 HOH 16 216 38 HOH HOH A . 
C 3 HOH 17 217 5  HOH HOH A . 
C 3 HOH 18 218 39 HOH HOH A . 
C 3 HOH 19 219 53 HOH HOH A . 
C 3 HOH 20 220 49 HOH HOH A . 
C 3 HOH 21 221 14 HOH HOH A . 
C 3 HOH 22 222 58 HOH HOH A . 
C 3 HOH 23 223 27 HOH HOH A . 
C 3 HOH 24 224 24 HOH HOH A . 
C 3 HOH 25 225 68 HOH HOH A . 
C 3 HOH 26 226 55 HOH HOH A . 
C 3 HOH 27 227 20 HOH HOH A . 
C 3 HOH 28 228 44 HOH HOH A . 
C 3 HOH 29 229 78 HOH HOH A . 
C 3 HOH 30 230 66 HOH HOH A . 
C 3 HOH 31 231 25 HOH HOH A . 
C 3 HOH 32 232 8  HOH HOH A . 
C 3 HOH 33 233 65 HOH HOH A . 
C 3 HOH 34 234 35 HOH HOH A . 
C 3 HOH 35 235 13 HOH HOH A . 
C 3 HOH 36 236 32 HOH HOH A . 
C 3 HOH 37 237 69 HOH HOH A . 
C 3 HOH 38 238 12 HOH HOH A . 
C 3 HOH 39 239 40 HOH HOH A . 
C 3 HOH 40 240 48 HOH HOH A . 
C 3 HOH 41 241 77 HOH HOH A . 
C 3 HOH 42 242 4  HOH HOH A . 
C 3 HOH 43 243 16 HOH HOH A . 
C 3 HOH 44 244 17 HOH HOH A . 
C 3 HOH 45 245 46 HOH HOH A . 
C 3 HOH 46 246 45 HOH HOH A . 
C 3 HOH 47 247 9  HOH HOH A . 
C 3 HOH 48 248 26 HOH HOH A . 
C 3 HOH 49 249 52 HOH HOH A . 
C 3 HOH 50 250 34 HOH HOH A . 
C 3 HOH 51 251 29 HOH HOH A . 
C 3 HOH 52 252 36 HOH HOH A . 
C 3 HOH 53 253 33 HOH HOH A . 
C 3 HOH 54 254 28 HOH HOH A . 
C 3 HOH 55 255 50 HOH HOH A . 
C 3 HOH 56 256 63 HOH HOH A . 
C 3 HOH 57 257 30 HOH HOH A . 
C 3 HOH 58 258 64 HOH HOH A . 
C 3 HOH 59 259 2  HOH HOH A . 
C 3 HOH 60 260 71 HOH HOH A . 
C 3 HOH 61 261 60 HOH HOH A . 
C 3 HOH 62 262 61 HOH HOH A . 
C 3 HOH 63 263 7  HOH HOH A . 
C 3 HOH 64 264 47 HOH HOH A . 
C 3 HOH 65 265 1  HOH HOH A . 
C 3 HOH 66 266 6  HOH HOH A . 
C 3 HOH 67 267 54 HOH HOH A . 
C 3 HOH 68 268 10 HOH HOH A . 
C 3 HOH 69 269 76 HOH HOH A . 
C 3 HOH 70 270 73 HOH HOH A . 
C 3 HOH 71 271 74 HOH HOH A . 
C 3 HOH 72 272 72 HOH HOH A . 
C 3 HOH 73 273 21 HOH HOH A . 
C 3 HOH 74 274 22 HOH HOH A . 
C 3 HOH 75 275 70 HOH HOH A . 
C 3 HOH 76 276 79 HOH HOH A . 
C 3 HOH 77 277 31 HOH HOH A . 
C 3 HOH 78 278 57 HOH HOH A . 
C 3 HOH 79 279 62 HOH HOH A . 
# 
loop_
_software.citation_id 
_software.classification 
_software.compiler_name 
_software.compiler_version 
_software.contact_author 
_software.contact_author_email 
_software.date 
_software.description 
_software.dependencies 
_software.hardware 
_software.language 
_software.location 
_software.mods 
_software.name 
_software.os 
_software.os_version 
_software.type 
_software.version 
_software.pdbx_ordinal 
? refinement       ? ? ? ? ? ? ? ? ? ? ? REFMAC   ? ? ? 5.8.0415 1 
? 'data reduction' ? ? ? ? ? ? ? ? ? ? ? HKL-2000 ? ? ? .        2 
? 'data scaling'   ? ? ? ? ? ? ? ? ? ? ? HKL-2000 ? ? ? .        3 
? phasing          ? ? ? ? ? ? ? ? ? ? ? PHASER   ? ? ? .        4 
# 
_cell.angle_alpha                  90.000 
_cell.angle_alpha_esd              ? 
_cell.angle_beta                   90.000 
_cell.angle_beta_esd               ? 
_cell.angle_gamma                  120.000 
_cell.angle_gamma_esd              ? 
_cell.entry_id                     8TE0 
_cell.details                      ? 
_cell.formula_units_Z              ? 
_cell.length_a                     42.501 
_cell.length_a_esd                 ? 
_cell.length_b                     42.501 
_cell.length_b_esd                 ? 
_cell.length_c                     129.967 
_cell.length_c_esd                 ? 
_cell.volume                       ? 
_cell.volume_esd                   ? 
_cell.Z_PDB                        18 
_cell.reciprocal_angle_alpha       ? 
_cell.reciprocal_angle_beta        ? 
_cell.reciprocal_angle_gamma       ? 
_cell.reciprocal_angle_alpha_esd   ? 
_cell.reciprocal_angle_beta_esd    ? 
_cell.reciprocal_angle_gamma_esd   ? 
_cell.reciprocal_length_a          ? 
_cell.reciprocal_length_b          ? 
_cell.reciprocal_length_c          ? 
_cell.reciprocal_length_a_esd      ? 
_cell.reciprocal_length_b_esd      ? 
_cell.reciprocal_length_c_esd      ? 
_cell.pdbx_unique_axis             ? 
_cell.pdbx_esd_method              ? 
# 
_symmetry.entry_id                         8TE0 
_symmetry.cell_setting                     ? 
_symmetry.Int_Tables_number                155 
_symmetry.space_group_name_Hall            ? 
_symmetry.space_group_name_H-M             'H 3 2' 
_symmetry.pdbx_full_space_group_name_H-M   ? 
# 
_exptl.absorpt_coefficient_mu     ? 
_exptl.absorpt_correction_T_max   ? 
_exptl.absorpt_correction_T_min   ? 
_exptl.absorpt_correction_type    ? 
_exptl.absorpt_process_details    ? 
_exptl.entry_id                   8TE0 
_exptl.crystals_number            1 
_exptl.details                    ? 
_exptl.method                     'X-RAY DIFFRACTION' 
_exptl.method_details             ? 
# 
_exptl_crystal.colour                       ? 
_exptl_crystal.density_diffrn               ? 
_exptl_crystal.density_Matthews             2.22 
_exptl_crystal.density_method               ? 
_exptl_crystal.density_percent_sol          44.49 
_exptl_crystal.description                  ? 
_exptl_crystal.F_000                        ? 
_exptl_crystal.id                           1 
_exptl_crystal.preparation                  ? 
_exptl_crystal.size_max                     ? 
_exptl_crystal.size_mid                     ? 
_exptl_crystal.size_min                     ? 
_exptl_crystal.size_rad                     ? 
_exptl_crystal.colour_lustre                ? 
_exptl_crystal.colour_modifier              ? 
_exptl_crystal.colour_primary               ? 
_exptl_crystal.density_meas                 ? 
_exptl_crystal.density_meas_esd             ? 
_exptl_crystal.density_meas_gt              ? 
_exptl_crystal.density_meas_lt              ? 
_exptl_crystal.density_meas_temp            ? 
_exptl_crystal.density_meas_temp_esd        ? 
_exptl_crystal.density_meas_temp_gt         ? 
_exptl_crystal.density_meas_temp_lt         ? 
_exptl_crystal.pdbx_crystal_image_url       ? 
_exptl_crystal.pdbx_crystal_image_format    ? 
_exptl_crystal.pdbx_mosaicity               ? 
_exptl_crystal.pdbx_mosaicity_esd           ? 
_exptl_crystal.pdbx_mosaic_method           ? 
_exptl_crystal.pdbx_mosaic_block_size       ? 
_exptl_crystal.pdbx_mosaic_block_size_esd   ? 
# 
_exptl_crystal_grow.apparatus       ? 
_exptl_crystal_grow.atmosphere      ? 
_exptl_crystal_grow.crystal_id      1 
_exptl_crystal_grow.details         ? 
_exptl_crystal_grow.method          'VAPOR DIFFUSION, SITTING DROP' 
_exptl_crystal_grow.method_ref      ? 
_exptl_crystal_grow.pH              7.0 
_exptl_crystal_grow.pressure        ? 
_exptl_crystal_grow.pressure_esd    ? 
_exptl_crystal_grow.seeding         ? 
_exptl_crystal_grow.seeding_ref     ? 
_exptl_crystal_grow.temp_details    ? 
_exptl_crystal_grow.temp_esd        ? 
_exptl_crystal_grow.time            ? 
_exptl_crystal_grow.pdbx_details    '10 mM Magnesium chloride hexahydrate, 50 mM HEPES sodium pH 7.0, 4.0 M Lithium chloride' 
_exptl_crystal_grow.pdbx_pH_range   ? 
_exptl_crystal_grow.temp            293 
# 
_diffrn.ambient_environment              ? 
_diffrn.ambient_temp                     99 
_diffrn.ambient_temp_details             ? 
_diffrn.ambient_temp_esd                 ? 
_diffrn.crystal_id                       1 
_diffrn.crystal_support                  ? 
_diffrn.crystal_treatment                ? 
_diffrn.details                          ? 
_diffrn.id                               1 
_diffrn.ambient_pressure                 ? 
_diffrn.ambient_pressure_esd             ? 
_diffrn.ambient_pressure_gt              ? 
_diffrn.ambient_pressure_lt              ? 
_diffrn.ambient_temp_gt                  ? 
_diffrn.ambient_temp_lt                  ? 
_diffrn.pdbx_serial_crystal_experiment   N 
# 
_diffrn_detector.details                      ? 
_diffrn_detector.detector                     PIXEL 
_diffrn_detector.diffrn_id                    1 
_diffrn_detector.type                         'DECTRIS PILATUS3 6M' 
_diffrn_detector.area_resol_mean              ? 
_diffrn_detector.dtime                        ? 
_diffrn_detector.pdbx_frames_total            ? 
_diffrn_detector.pdbx_collection_time_total   ? 
_diffrn_detector.pdbx_collection_date         2023-06-22 
_diffrn_detector.pdbx_frequency               ? 
_diffrn_detector.id                           ? 
_diffrn_detector.number_of_axes               ? 
# 
_diffrn_radiation.collimation                      ? 
_diffrn_radiation.diffrn_id                        1 
_diffrn_radiation.filter_edge                      ? 
_diffrn_radiation.inhomogeneity                    ? 
_diffrn_radiation.monochromator                    ? 
_diffrn_radiation.polarisn_norm                    ? 
_diffrn_radiation.polarisn_ratio                   ? 
_diffrn_radiation.probe                            ? 
_diffrn_radiation.type                             ? 
_diffrn_radiation.xray_symbol                      ? 
_diffrn_radiation.wavelength_id                    1 
_diffrn_radiation.pdbx_monochromatic_or_laue_m_l   M 
_diffrn_radiation.pdbx_wavelength_list             ? 
_diffrn_radiation.pdbx_wavelength                  ? 
_diffrn_radiation.pdbx_diffrn_protocol             'SINGLE WAVELENGTH' 
_diffrn_radiation.pdbx_analyzer                    ? 
_diffrn_radiation.pdbx_scattering_type             x-ray 
# 
_diffrn_radiation_wavelength.id           1 
_diffrn_radiation_wavelength.wavelength   1.033216 
_diffrn_radiation_wavelength.wt           1.0 
# 
_diffrn_source.current                     ? 
_diffrn_source.details                     ? 
_diffrn_source.diffrn_id                   1 
_diffrn_source.power                       ? 
_diffrn_source.size                        ? 
_diffrn_source.source                      SYNCHROTRON 
_diffrn_source.target                      ? 
_diffrn_source.type                        'ALS BEAMLINE 2.0.1' 
_diffrn_source.voltage                     ? 
_diffrn_source.take-off_angle              ? 
_diffrn_source.pdbx_wavelength_list        1.033216 
_diffrn_source.pdbx_wavelength             ? 
_diffrn_source.pdbx_synchrotron_beamline   2.0.1 
_diffrn_source.pdbx_synchrotron_site       ALS 
# 
_reflns.B_iso_Wilson_estimate                          ? 
_reflns.entry_id                                       8TE0 
_reflns.data_reduction_details                         ? 
_reflns.data_reduction_method                          ? 
_reflns.d_resolution_high                              1.42 
_reflns.d_resolution_low                               50 
_reflns.details                                        ? 
_reflns.limit_h_max                                    ? 
_reflns.limit_h_min                                    ? 
_reflns.limit_k_max                                    ? 
_reflns.limit_k_min                                    ? 
_reflns.limit_l_max                                    ? 
_reflns.limit_l_min                                    ? 
_reflns.number_all                                     ? 
_reflns.number_obs                                     8586 
_reflns.observed_criterion                             ? 
_reflns.observed_criterion_F_max                       ? 
_reflns.observed_criterion_F_min                       ? 
_reflns.observed_criterion_I_max                       ? 
_reflns.observed_criterion_I_min                       ? 
_reflns.observed_criterion_sigma_F                     ? 
_reflns.observed_criterion_sigma_I                     ? 
_reflns.percent_possible_obs                           96.2 
_reflns.R_free_details                                 ? 
_reflns.Rmerge_F_all                                   ? 
_reflns.Rmerge_F_obs                                   ? 
_reflns.Friedel_coverage                               ? 
_reflns.number_gt                                      ? 
_reflns.threshold_expression                           ? 
_reflns.pdbx_redundancy                                7.1 
_reflns.pdbx_netI_over_av_sigmaI                       ? 
_reflns.pdbx_netI_over_sigmaI                          30.0 
_reflns.pdbx_res_netI_over_av_sigmaI_2                 ? 
_reflns.pdbx_res_netI_over_sigmaI_2                    ? 
_reflns.pdbx_chi_squared                               0.919 
_reflns.pdbx_scaling_rejects                           ? 
_reflns.pdbx_d_res_high_opt                            ? 
_reflns.pdbx_d_res_low_opt                             ? 
_reflns.pdbx_d_res_opt_method                          ? 
_reflns.phase_calculation_details                      ? 
_reflns.pdbx_Rrim_I_all                                0.069 
_reflns.pdbx_Rpim_I_all                                0.024 
_reflns.pdbx_d_opt                                     ? 
_reflns.pdbx_number_measured_all                       ? 
_reflns.pdbx_diffrn_id                                 1 
_reflns.pdbx_ordinal                                   1 
_reflns.pdbx_CC_half                                   0.983 
_reflns.pdbx_CC_star                                   0.996 
_reflns.pdbx_R_split                                   ? 
_reflns.pdbx_Rmerge_I_obs                              0.065 
_reflns.pdbx_Rmerge_I_all                              ? 
_reflns.pdbx_Rsym_value                                ? 
_reflns.pdbx_CC_split_method                           ? 
_reflns.pdbx_aniso_diffraction_limit_axis_1_ortho[1]   ? 
_reflns.pdbx_aniso_diffraction_limit_axis_1_ortho[2]   ? 
_reflns.pdbx_aniso_diffraction_limit_axis_1_ortho[3]   ? 
_reflns.pdbx_aniso_diffraction_limit_axis_2_ortho[1]   ? 
_reflns.pdbx_aniso_diffraction_limit_axis_2_ortho[2]   ? 
_reflns.pdbx_aniso_diffraction_limit_axis_2_ortho[3]   ? 
_reflns.pdbx_aniso_diffraction_limit_axis_3_ortho[1]   ? 
_reflns.pdbx_aniso_diffraction_limit_axis_3_ortho[2]   ? 
_reflns.pdbx_aniso_diffraction_limit_axis_3_ortho[3]   ? 
_reflns.pdbx_aniso_diffraction_limit_1                 ? 
_reflns.pdbx_aniso_diffraction_limit_2                 ? 
_reflns.pdbx_aniso_diffraction_limit_3                 ? 
_reflns.pdbx_aniso_B_tensor_eigenvector_1_ortho[1]     ? 
_reflns.pdbx_aniso_B_tensor_eigenvector_1_ortho[2]     ? 
_reflns.pdbx_aniso_B_tensor_eigenvector_1_ortho[3]     ? 
_reflns.pdbx_aniso_B_tensor_eigenvector_2_ortho[1]     ? 
_reflns.pdbx_aniso_B_tensor_eigenvector_2_ortho[2]     ? 
_reflns.pdbx_aniso_B_tensor_eigenvector_2_ortho[3]     ? 
_reflns.pdbx_aniso_B_tensor_eigenvector_3_ortho[1]     ? 
_reflns.pdbx_aniso_B_tensor_eigenvector_3_ortho[2]     ? 
_reflns.pdbx_aniso_B_tensor_eigenvector_3_ortho[3]     ? 
_reflns.pdbx_aniso_B_tensor_eigenvalue_1               ? 
_reflns.pdbx_aniso_B_tensor_eigenvalue_2               ? 
_reflns.pdbx_aniso_B_tensor_eigenvalue_3               ? 
_reflns.pdbx_orthogonalization_convention              ? 
_reflns.pdbx_percent_possible_ellipsoidal              ? 
_reflns.pdbx_percent_possible_spherical                ? 
_reflns.pdbx_percent_possible_ellipsoidal_anomalous    ? 
_reflns.pdbx_percent_possible_spherical_anomalous      ? 
_reflns.pdbx_redundancy_anomalous                      ? 
_reflns.pdbx_CC_half_anomalous                         ? 
_reflns.pdbx_absDiff_over_sigma_anomalous              ? 
_reflns.pdbx_percent_possible_anomalous                ? 
_reflns.pdbx_observed_signal_threshold                 ? 
_reflns.pdbx_signal_type                               ? 
_reflns.pdbx_signal_details                            ? 
_reflns.pdbx_signal_software_id                        ? 
# 
_reflns_shell.d_res_high                                    1.42 
_reflns_shell.d_res_low                                     1.44 
_reflns_shell.meanI_over_sigI_all                           ? 
_reflns_shell.meanI_over_sigI_obs                           2.8 
_reflns_shell.number_measured_all                           ? 
_reflns_shell.number_measured_obs                           ? 
_reflns_shell.number_possible                               ? 
_reflns_shell.number_unique_all                             ? 
_reflns_shell.number_unique_obs                             267 
_reflns_shell.percent_possible_obs                          ? 
_reflns_shell.Rmerge_F_all                                  ? 
_reflns_shell.Rmerge_F_obs                                  ? 
_reflns_shell.meanI_over_sigI_gt                            ? 
_reflns_shell.meanI_over_uI_all                             ? 
_reflns_shell.meanI_over_uI_gt                              ? 
_reflns_shell.number_measured_gt                            ? 
_reflns_shell.number_unique_gt                              ? 
_reflns_shell.percent_possible_gt                           ? 
_reflns_shell.Rmerge_F_gt                                   ? 
_reflns_shell.Rmerge_I_gt                                   ? 
_reflns_shell.pdbx_redundancy                               2.0 
_reflns_shell.pdbx_chi_squared                              0.804 
_reflns_shell.pdbx_netI_over_sigmaI_all                     ? 
_reflns_shell.pdbx_netI_over_sigmaI_obs                     ? 
_reflns_shell.pdbx_Rrim_I_all                               0.345 
_reflns_shell.pdbx_Rpim_I_all                               0.214 
_reflns_shell.pdbx_rejects                                  ? 
_reflns_shell.pdbx_ordinal                                  1 
_reflns_shell.pdbx_diffrn_id                                1 
_reflns_shell.pdbx_CC_half                                  0.900 
_reflns_shell.pdbx_CC_star                                  0.973 
_reflns_shell.pdbx_R_split                                  ? 
_reflns_shell.percent_possible_all                          64.5 
_reflns_shell.Rmerge_I_all                                  ? 
_reflns_shell.Rmerge_I_obs                                  0.268 
_reflns_shell.pdbx_Rsym_value                               ? 
_reflns_shell.pdbx_percent_possible_ellipsoidal             ? 
_reflns_shell.pdbx_percent_possible_spherical               ? 
_reflns_shell.pdbx_percent_possible_ellipsoidal_anomalous   ? 
_reflns_shell.pdbx_percent_possible_spherical_anomalous     ? 
_reflns_shell.pdbx_redundancy_anomalous                     ? 
_reflns_shell.pdbx_CC_half_anomalous                        ? 
_reflns_shell.pdbx_absDiff_over_sigma_anomalous             ? 
_reflns_shell.pdbx_percent_possible_anomalous               ? 
# 
_refine.aniso_B[1][1]                            -0.001 
_refine.aniso_B[1][2]                            -0.001 
_refine.aniso_B[1][3]                            -0.000 
_refine.aniso_B[2][2]                            -0.001 
_refine.aniso_B[2][3]                            -0.000 
_refine.aniso_B[3][3]                            0.004 
_refine.B_iso_max                                ? 
_refine.B_iso_mean                               11.558 
_refine.B_iso_min                                ? 
_refine.correlation_coeff_Fo_to_Fc               0.955 
_refine.correlation_coeff_Fo_to_Fc_free          0.941 
_refine.details                                  'Hydrogens have been added in their riding positions' 
_refine.diff_density_max                         ? 
_refine.diff_density_max_esd                     ? 
_refine.diff_density_min                         ? 
_refine.diff_density_min_esd                     ? 
_refine.diff_density_rms                         ? 
_refine.diff_density_rms_esd                     ? 
_refine.entry_id                                 8TE0 
_refine.pdbx_refine_id                           'X-RAY DIFFRACTION' 
_refine.ls_abs_structure_details                 ? 
_refine.ls_abs_structure_Flack                   ? 
_refine.ls_abs_structure_Flack_esd               ? 
_refine.ls_abs_structure_Rogers                  ? 
_refine.ls_abs_structure_Rogers_esd              ? 
_refine.ls_d_res_high                            1.420 
_refine.ls_d_res_low                             35.414 
_refine.ls_extinction_coef                       ? 
_refine.ls_extinction_coef_esd                   ? 
_refine.ls_extinction_expression                 ? 
_refine.ls_extinction_method                     ? 
_refine.ls_goodness_of_fit_all                   ? 
_refine.ls_goodness_of_fit_all_esd               ? 
_refine.ls_goodness_of_fit_obs                   ? 
_refine.ls_goodness_of_fit_obs_esd               ? 
_refine.ls_hydrogen_treatment                    ? 
_refine.ls_matrix_type                           ? 
_refine.ls_number_constraints                    ? 
_refine.ls_number_parameters                     ? 
_refine.ls_number_reflns_all                     ? 
_refine.ls_number_reflns_obs                     8160 
_refine.ls_number_reflns_R_free                  379 
_refine.ls_number_reflns_R_work                  7781 
_refine.ls_number_restraints                     ? 
_refine.ls_percent_reflns_obs                    91.398 
_refine.ls_percent_reflns_R_free                 4.645 
_refine.ls_R_factor_all                          0.216 
_refine.ls_R_factor_obs                          ? 
_refine.ls_R_factor_R_free                       0.2376 
_refine.ls_R_factor_R_free_error                 ? 
_refine.ls_R_factor_R_free_error_details         ? 
_refine.ls_R_factor_R_work                       0.2146 
_refine.ls_R_Fsqd_factor_obs                     ? 
_refine.ls_R_I_factor_obs                        ? 
_refine.ls_redundancy_reflns_all                 ? 
_refine.ls_redundancy_reflns_obs                 ? 
_refine.ls_restrained_S_all                      ? 
_refine.ls_restrained_S_obs                      ? 
_refine.ls_shift_over_esd_max                    ? 
_refine.ls_shift_over_esd_mean                   ? 
_refine.ls_structure_factor_coef                 ? 
_refine.ls_weighting_details                     ? 
_refine.ls_weighting_scheme                      ? 
_refine.ls_wR_factor_all                         ? 
_refine.ls_wR_factor_obs                         ? 
_refine.ls_wR_factor_R_free                      ? 
_refine.ls_wR_factor_R_work                      ? 
_refine.occupancy_max                            ? 
_refine.occupancy_min                            ? 
_refine.solvent_model_details                    'MASK BULK SOLVENT' 
_refine.solvent_model_param_bsol                 ? 
_refine.solvent_model_param_ksol                 ? 
_refine.pdbx_R_complete                          ? 
_refine.ls_R_factor_gt                           ? 
_refine.ls_goodness_of_fit_gt                    ? 
_refine.ls_goodness_of_fit_ref                   ? 
_refine.ls_shift_over_su_max                     ? 
_refine.ls_shift_over_su_max_lt                  ? 
_refine.ls_shift_over_su_mean                    ? 
_refine.ls_shift_over_su_mean_lt                 ? 
_refine.pdbx_ls_sigma_I                          ? 
_refine.pdbx_ls_sigma_F                          ? 
_refine.pdbx_ls_sigma_Fsqd                       ? 
_refine.pdbx_data_cutoff_high_absF               ? 
_refine.pdbx_data_cutoff_high_rms_absF           ? 
_refine.pdbx_data_cutoff_low_absF                ? 
_refine.pdbx_isotropic_thermal_model             ? 
_refine.pdbx_ls_cross_valid_method               THROUGHOUT 
_refine.pdbx_method_to_determine_struct          'MOLECULAR REPLACEMENT' 
_refine.pdbx_starting_model                      ? 
_refine.pdbx_stereochemistry_target_values       ? 
_refine.pdbx_R_Free_selection_details            ? 
_refine.pdbx_stereochem_target_val_spec_case     ? 
_refine.pdbx_overall_ESU_R                       0.083 
_refine.pdbx_overall_ESU_R_Free                  0.082 
_refine.pdbx_solvent_vdw_probe_radii             1.200 
_refine.pdbx_solvent_ion_probe_radii             0.800 
_refine.pdbx_solvent_shrinkage_radii             0.800 
_refine.pdbx_real_space_R                        ? 
_refine.pdbx_density_correlation                 ? 
_refine.pdbx_pd_number_of_powder_patterns        ? 
_refine.pdbx_pd_number_of_points                 ? 
_refine.pdbx_pd_meas_number_of_points            ? 
_refine.pdbx_pd_proc_ls_prof_R_factor            ? 
_refine.pdbx_pd_proc_ls_prof_wR_factor           ? 
_refine.pdbx_pd_Marquardt_correlation_coeff      ? 
_refine.pdbx_pd_Fsqrd_R_factor                   ? 
_refine.pdbx_pd_ls_matrix_band_width             ? 
_refine.pdbx_overall_phase_error                 ? 
_refine.pdbx_overall_SU_R_free_Cruickshank_DPI   ? 
_refine.pdbx_overall_SU_R_free_Blow_DPI          ? 
_refine.pdbx_overall_SU_R_Blow_DPI               ? 
_refine.pdbx_TLS_residual_ADP_flag               ? 
_refine.pdbx_diffrn_id                           1 
_refine.overall_SU_B                             1.485 
_refine.overall_SU_ML                            0.057 
_refine.overall_SU_R_Cruickshank_DPI             ? 
_refine.overall_SU_R_free                        ? 
_refine.overall_FOM_free_R_set                   ? 
_refine.overall_FOM_work_R_set                   ? 
_refine.pdbx_average_fsc_overall                 ? 
_refine.pdbx_average_fsc_work                    ? 
_refine.pdbx_average_fsc_free                    ? 
# 
_refine_hist.pdbx_refine_id                   'X-RAY DIFFRACTION' 
_refine_hist.cycle_id                         LAST 
_refine_hist.pdbx_number_atoms_protein        0 
_refine_hist.pdbx_number_atoms_nucleic_acid   337 
_refine_hist.pdbx_number_atoms_ligand         1 
_refine_hist.number_atoms_solvent             79 
_refine_hist.number_atoms_total               417 
_refine_hist.d_res_high                       1.420 
_refine_hist.d_res_low                        35.414 
# 
loop_
_refine_ls_restr.pdbx_refine_id 
_refine_ls_restr.criterion 
_refine_ls_restr.dev_ideal 
_refine_ls_restr.dev_ideal_target 
_refine_ls_restr.number 
_refine_ls_restr.rejects 
_refine_ls_restr.type 
_refine_ls_restr.weight 
_refine_ls_restr.pdbx_restraint_function 
'X-RAY DIFFRACTION' ? 0.013 0.011  374 ? r_bond_refined_d               ? ? 
'X-RAY DIFFRACTION' ? 0.002 0.019  157 ? r_bond_other_d                 ? ? 
'X-RAY DIFFRACTION' ? 2.370 1.906  576 ? r_angle_refined_deg            ? ? 
'X-RAY DIFFRACTION' ? 0.637 1.741  381 ? r_angle_other_deg              ? ? 
'X-RAY DIFFRACTION' ? 0.575 5.000  11  ? r_dihedral_angle_other_2_deg   ? ? 
'X-RAY DIFFRACTION' ? 0.099 0.200  77  ? r_chiral_restr                 ? ? 
'X-RAY DIFFRACTION' ? 0.029 0.020  190 ? r_gen_planes_refined           ? ? 
'X-RAY DIFFRACTION' ? 0.001 0.020  61  ? r_gen_planes_other             ? ? 
'X-RAY DIFFRACTION' ? 0.426 0.200  54  ? r_nbd_refined                  ? ? 
'X-RAY DIFFRACTION' ? 0.206 0.200  173 ? r_symmetry_nbd_other           ? ? 
'X-RAY DIFFRACTION' ? 0.251 0.200  138 ? r_nbtor_refined                ? ? 
'X-RAY DIFFRACTION' ? 0.086 0.200  82  ? r_symmetry_nbtor_other         ? ? 
'X-RAY DIFFRACTION' ? 0.301 0.200  58  ? r_xyhbond_nbd_refined          ? ? 
'X-RAY DIFFRACTION' ? 0.081 0.200  23  ? r_symmetry_nbd_refined         ? ? 
'X-RAY DIFFRACTION' ? 0.117 0.200  65  ? r_nbd_other                    ? ? 
'X-RAY DIFFRACTION' ? 0.064 0.200  17  ? r_symmetry_xyhbond_nbd_refined ? ? 
'X-RAY DIFFRACTION' ? 1.598 1.364  374 ? r_scbond_it                    ? ? 
'X-RAY DIFFRACTION' ? 1.596 1.365  375 ? r_scbond_other                 ? ? 
'X-RAY DIFFRACTION' ? 2.319 2.503  576 ? r_scangle_it                   ? ? 
'X-RAY DIFFRACTION' ? 2.317 2.504  577 ? r_scangle_other                ? ? 
'X-RAY DIFFRACTION' ? 5.259 18.765 566 ? r_lrange_it                    ? ? 
'X-RAY DIFFRACTION' ? 5.020 18.239 553 ? r_lrange_other                 ? ? 
# 
loop_
_refine_ls_shell.pdbx_refine_id 
_refine_ls_shell.d_res_high 
_refine_ls_shell.d_res_low 
_refine_ls_shell.number_reflns_all 
_refine_ls_shell.number_reflns_obs 
_refine_ls_shell.number_reflns_R_free 
_refine_ls_shell.number_reflns_R_work 
_refine_ls_shell.percent_reflns_obs 
_refine_ls_shell.percent_reflns_R_free 
_refine_ls_shell.R_factor_all 
_refine_ls_shell.R_factor_obs 
_refine_ls_shell.R_factor_R_free_error 
_refine_ls_shell.R_factor_R_work 
_refine_ls_shell.redundancy_reflns_all 
_refine_ls_shell.redundancy_reflns_obs 
_refine_ls_shell.wR_factor_all 
_refine_ls_shell.wR_factor_obs 
_refine_ls_shell.wR_factor_R_free 
_refine_ls_shell.wR_factor_R_work 
_refine_ls_shell.pdbx_R_complete 
_refine_ls_shell.pdbx_total_number_of_bins_used 
_refine_ls_shell.pdbx_phase_error 
_refine_ls_shell.pdbx_fsc_work 
_refine_ls_shell.pdbx_fsc_free 
_refine_ls_shell.R_factor_R_free 
'X-RAY DIFFRACTION' 1.420 1.455  . . 9  204 33.9713  . . . . 0.304 . . . . . . . . . . . 0.475 
'X-RAY DIFFRACTION' 1.455 1.494  . . 25 366 61.8671  . . . . 0.307 . . . . . . . . . . . 0.343 
'X-RAY DIFFRACTION' 1.494 1.538  . . 15 520 86.7099  . . . . .     . . . . . . . . . . . 0.261 
'X-RAY DIFFRACTION' 1.538 1.585  . . 35 544 97.3109  . . . . 0.258 . . . . . . . . . . . 0.268 
'X-RAY DIFFRACTION' 1.585 1.637  . . 26 556 99.1482  . . . . 0.258 . . . . . . . . . . . 0.327 
'X-RAY DIFFRACTION' 1.637 1.694  . . 22 522 99.6337  . . . . 0.240 . . . . . . . . . . . 0.258 
'X-RAY DIFFRACTION' 1.694 1.758  . . 22 528 100.0000 . . . . 0.225 . . . . . . . . . . . 0.300 
'X-RAY DIFFRACTION' 1.758 1.830  . . 21 508 100.0000 . . . . 0.247 . . . . . . . . . . . 0.287 
'X-RAY DIFFRACTION' 1.830 1.911  . . 21 479 100.0000 . . . . 0.235 . . . . . . . . . . . 0.289 
'X-RAY DIFFRACTION' 1.911 2.004  . . 26 454 99.7921  . . . . 0.222 . . . . . . . . . . . 0.282 
'X-RAY DIFFRACTION' 2.004 2.112  . . 19 440 100.0000 . . . . 0.226 . . . . . . . . . . . 0.254 
'X-RAY DIFFRACTION' 2.112 2.239  . . 23 417 100.0000 . . . . 0.201 . . . . . . . . . . . 0.271 
'X-RAY DIFFRACTION' 2.239 2.393  . . 23 388 100.0000 . . . . .     . . . . . . . . . . . 0.169 
'X-RAY DIFFRACTION' 2.393 2.584  . . 15 366 100.0000 . . . . 0.219 . . . . . . . . . . . 0.290 
'X-RAY DIFFRACTION' 2.584 2.829  . . 16 353 100.0000 . . . . 0.205 . . . . . . . . . . . 0.224 
'X-RAY DIFFRACTION' 2.829 3.160  . . 13 300 99.3651  . . . . 0.192 . . . . . . . . . . . 0.175 
'X-RAY DIFFRACTION' 3.160 3.644  . . 15 283 98.6755  . . . . 0.185 . . . . . . . . . . . 0.202 
'X-RAY DIFFRACTION' 3.644 4.452  . . 15 235 100.0000 . . . . 0.180 . . . . . . . . . . . 0.145 
'X-RAY DIFFRACTION' 4.452 6.247  . . 9  198 100.0000 . . . . 0.162 . . . . . . . . . . . 0.311 
'X-RAY DIFFRACTION' 6.247 35.414 . . 9  119 100.0000 . . . . .     . . . . . . . . . . . 0.183 
# 
_struct.entry_id                     8TE0 
_struct.title                        '16mer self-complementary duplex RNA with D:C pair sequence 1' 
_struct.pdbx_model_details           ? 
_struct.pdbx_formula_weight          ? 
_struct.pdbx_formula_weight_method   ? 
_struct.pdbx_model_type_details      ? 
_struct.pdbx_CASP_flag               N 
# 
_struct_keywords.entry_id        8TE0 
_struct_keywords.text            'Diaminopurine, RNA, Non-canonical base pair' 
_struct_keywords.pdbx_keywords   RNA 
# 
loop_
_struct_asym.id 
_struct_asym.pdbx_blank_PDB_chainid_flag 
_struct_asym.pdbx_modified 
_struct_asym.entity_id 
_struct_asym.details 
A N N 1 ? 
B N N 2 ? 
C N N 3 ? 
# 
_struct_ref.id                         1 
_struct_ref.db_name                    PDB 
_struct_ref.db_code                    8TE0 
_struct_ref.pdbx_db_accession          8TE0 
_struct_ref.pdbx_db_isoform            ? 
_struct_ref.entity_id                  1 
_struct_ref.pdbx_seq_one_letter_code   ? 
_struct_ref.pdbx_align_begin           1 
# 
_struct_ref_seq.align_id                      1 
_struct_ref_seq.ref_id                        1 
_struct_ref_seq.pdbx_PDB_id_code              8TE0 
_struct_ref_seq.pdbx_strand_id                A 
_struct_ref_seq.seq_align_beg                 1 
_struct_ref_seq.pdbx_seq_align_beg_ins_code   ? 
_struct_ref_seq.seq_align_end                 16 
_struct_ref_seq.pdbx_seq_align_end_ins_code   ? 
_struct_ref_seq.pdbx_db_accession             8TE0 
_struct_ref_seq.db_align_beg                  1 
_struct_ref_seq.pdbx_db_align_beg_ins_code    ? 
_struct_ref_seq.db_align_end                  16 
_struct_ref_seq.pdbx_db_align_end_ins_code    ? 
_struct_ref_seq.pdbx_auth_seq_align_beg       1 
_struct_ref_seq.pdbx_auth_seq_align_end       16 
# 
_pdbx_struct_assembly.id                   1 
_pdbx_struct_assembly.details              author_and_software_defined_assembly 
_pdbx_struct_assembly.method_details       PISA 
_pdbx_struct_assembly.oligomeric_details   dimeric 
_pdbx_struct_assembly.oligomeric_count     2 
# 
loop_
_pdbx_struct_assembly_prop.biol_id 
_pdbx_struct_assembly_prop.type 
_pdbx_struct_assembly_prop.value 
_pdbx_struct_assembly_prop.details 
1 'ABSA (A^2)' 2980 ? 
1 MORE         -15  ? 
1 'SSA (A^2)'  5530 ? 
# 
_pdbx_struct_assembly_gen.assembly_id       1 
_pdbx_struct_assembly_gen.oper_expression   1,2 
_pdbx_struct_assembly_gen.asym_id_list      A,B,C 
# 
loop_
_pdbx_struct_oper_list.id 
_pdbx_struct_oper_list.type 
_pdbx_struct_oper_list.name 
_pdbx_struct_oper_list.symmetry_operation 
_pdbx_struct_oper_list.matrix[1][1] 
_pdbx_struct_oper_list.matrix[1][2] 
_pdbx_struct_oper_list.matrix[1][3] 
_pdbx_struct_oper_list.vector[1] 
_pdbx_struct_oper_list.matrix[2][1] 
_pdbx_struct_oper_list.matrix[2][2] 
_pdbx_struct_oper_list.matrix[2][3] 
_pdbx_struct_oper_list.vector[2] 
_pdbx_struct_oper_list.matrix[3][1] 
_pdbx_struct_oper_list.matrix[3][2] 
_pdbx_struct_oper_list.matrix[3][3] 
_pdbx_struct_oper_list.vector[3] 
1 'identity operation'         1_555 x,y,z      1.0000000000  0.0000000000 0.0000000000  0.0000000000 0.0000000000 1.0000000000 0.0000000000  0.0000000000  0.0000000000  0.0000000000  1.0000000000  0.0000000000  
2 'crystal symmetry operation' 6_555 -x,-x+y,-z -0.5457732696 0.8322903953 -0.0970785050 1.2193685696 0.8322903953 0.5250254019 -0.1778792438 -1.0593645004 -0.0970785050 -0.1778792438 -0.9792521322 -3.3769483768 
# 
loop_
_struct_conn.id 
_struct_conn.conn_type_id 
_struct_conn.pdbx_leaving_atom_flag 
_struct_conn.pdbx_PDB_id 
_struct_conn.ptnr1_label_asym_id 
_struct_conn.ptnr1_label_comp_id 
_struct_conn.ptnr1_label_seq_id 
_struct_conn.ptnr1_label_atom_id 
_struct_conn.pdbx_ptnr1_label_alt_id 
_struct_conn.pdbx_ptnr1_PDB_ins_code 
_struct_conn.pdbx_ptnr1_standard_comp_id 
_struct_conn.ptnr1_symmetry 
_struct_conn.ptnr2_label_asym_id 
_struct_conn.ptnr2_label_comp_id 
_struct_conn.ptnr2_label_seq_id 
_struct_conn.ptnr2_label_atom_id 
_struct_conn.pdbx_ptnr2_label_alt_id 
_struct_conn.pdbx_ptnr2_PDB_ins_code 
_struct_conn.ptnr1_auth_asym_id 
_struct_conn.ptnr1_auth_comp_id 
_struct_conn.ptnr1_auth_seq_id 
_struct_conn.ptnr2_auth_asym_id 
_struct_conn.ptnr2_auth_comp_id 
_struct_conn.ptnr2_auth_seq_id 
_struct_conn.ptnr2_symmetry 
_struct_conn.pdbx_ptnr3_label_atom_id 
_struct_conn.pdbx_ptnr3_label_seq_id 
_struct_conn.pdbx_ptnr3_label_comp_id 
_struct_conn.pdbx_ptnr3_label_asym_id 
_struct_conn.pdbx_ptnr3_label_alt_id 
_struct_conn.pdbx_ptnr3_PDB_ins_code 
_struct_conn.details 
_struct_conn.pdbx_dist_value 
_struct_conn.pdbx_value_order 
_struct_conn.pdbx_role 
covale1  covale both ? A G   4  "O3'" ? ? ? 1_555 A N6G 5  P  ? ? A G   4   A N6G 5   1_555 ? ? ? ? ? ? ?               1.555 ? ? 
covale2  covale both ? A N6G 5  "O3'" ? ? ? 1_555 A A   6  P  ? ? A N6G 5   A A   6   1_555 ? ? ? ? ? ? ?               1.581 ? ? 
metalc1  metalc ?    ? B MG  .  MG    ? ? ? 1_555 C HOH .  O  ? ? A MG  101 A HOH 272 1_555 ? ? ? ? ? ? ?               2.966 ? ? 
hydrog1  hydrog ?    ? A A   1  N1    ? ? ? 1_555 A U   16 N3 ? ? A A   1   A U   16  6_555 ? ? ? ? ? ? WATSON-CRICK    ?     ? ? 
hydrog2  hydrog ?    ? A A   1  N6    ? ? ? 1_555 A U   16 O4 ? ? A A   1   A U   16  6_555 ? ? ? ? ? ? WATSON-CRICK    ?     ? ? 
hydrog3  hydrog ?    ? A G   2  N1    ? ? ? 1_555 A C   15 N3 ? ? A G   2   A C   15  6_555 ? ? ? ? ? ? WATSON-CRICK    ?     ? ? 
hydrog4  hydrog ?    ? A G   2  N2    ? ? ? 1_555 A C   15 O2 ? ? A G   2   A C   15  6_555 ? ? ? ? ? ? WATSON-CRICK    ?     ? ? 
hydrog5  hydrog ?    ? A G   2  O6    ? ? ? 1_555 A C   15 N4 ? ? A G   2   A C   15  6_555 ? ? ? ? ? ? WATSON-CRICK    ?     ? ? 
hydrog6  hydrog ?    ? A A   3  N1    ? ? ? 1_555 A U   14 N3 ? ? A A   3   A U   14  6_555 ? ? ? ? ? ? WATSON-CRICK    ?     ? ? 
hydrog7  hydrog ?    ? A A   3  N6    ? ? ? 1_555 A U   14 O4 ? ? A A   3   A U   14  6_555 ? ? ? ? ? ? WATSON-CRICK    ?     ? ? 
hydrog8  hydrog ?    ? A G   4  N1    ? ? ? 1_555 A C   13 N3 ? ? A G   4   A C   13  6_555 ? ? ? ? ? ? WATSON-CRICK    ?     ? ? 
hydrog9  hydrog ?    ? A G   4  N2    ? ? ? 1_555 A C   13 O2 ? ? A G   4   A C   13  6_555 ? ? ? ? ? ? WATSON-CRICK    ?     ? ? 
hydrog10 hydrog ?    ? A G   4  O6    ? ? ? 1_555 A C   13 N4 ? ? A G   4   A C   13  6_555 ? ? ? ? ? ? WATSON-CRICK    ?     ? ? 
hydrog11 hydrog ?    ? A N6G 5  N1    ? ? ? 1_555 A C   12 O2 ? ? A N6G 5   A C   12  6_555 ? ? ? ? ? ? 'N6G-C MISPAIR' ?     ? ? 
hydrog12 hydrog ?    ? A A   6  N1    ? ? ? 1_555 A U   11 N3 ? ? A A   6   A U   11  6_555 ? ? ? ? ? ? WATSON-CRICK    ?     ? ? 
hydrog13 hydrog ?    ? A A   6  N6    ? ? ? 1_555 A U   11 O4 ? ? A A   6   A U   11  6_555 ? ? ? ? ? ? WATSON-CRICK    ?     ? ? 
hydrog14 hydrog ?    ? A G   7  N1    ? ? ? 1_555 A C   10 N3 ? ? A G   7   A C   10  6_555 ? ? ? ? ? ? WATSON-CRICK    ?     ? ? 
hydrog15 hydrog ?    ? A G   7  N2    ? ? ? 1_555 A C   10 O2 ? ? A G   7   A C   10  6_555 ? ? ? ? ? ? WATSON-CRICK    ?     ? ? 
hydrog16 hydrog ?    ? A G   7  O6    ? ? ? 1_555 A C   10 N4 ? ? A G   7   A C   10  6_555 ? ? ? ? ? ? WATSON-CRICK    ?     ? ? 
hydrog17 hydrog ?    ? A A   8  N1    ? ? ? 1_555 A U   9  N3 ? ? A A   8   A U   9   6_555 ? ? ? ? ? ? WATSON-CRICK    ?     ? ? 
hydrog18 hydrog ?    ? A A   8  N6    ? ? ? 1_555 A U   9  O4 ? ? A A   8   A U   9   6_555 ? ? ? ? ? ? WATSON-CRICK    ?     ? ? 
hydrog19 hydrog ?    ? A U   9  N3    ? ? ? 1_555 A A   8  N1 ? ? A U   9   A A   8   6_555 ? ? ? ? ? ? WATSON-CRICK    ?     ? ? 
hydrog20 hydrog ?    ? A U   9  O4    ? ? ? 1_555 A A   8  N6 ? ? A U   9   A A   8   6_555 ? ? ? ? ? ? WATSON-CRICK    ?     ? ? 
hydrog21 hydrog ?    ? A C   10 N3    ? ? ? 1_555 A G   7  N1 ? ? A C   10  A G   7   6_555 ? ? ? ? ? ? WATSON-CRICK    ?     ? ? 
hydrog22 hydrog ?    ? A C   10 N4    ? ? ? 1_555 A G   7  O6 ? ? A C   10  A G   7   6_555 ? ? ? ? ? ? WATSON-CRICK    ?     ? ? 
hydrog23 hydrog ?    ? A C   10 O2    ? ? ? 1_555 A G   7  N2 ? ? A C   10  A G   7   6_555 ? ? ? ? ? ? WATSON-CRICK    ?     ? ? 
hydrog24 hydrog ?    ? A U   11 N3    ? ? ? 1_555 A A   6  N1 ? ? A U   11  A A   6   6_555 ? ? ? ? ? ? WATSON-CRICK    ?     ? ? 
hydrog25 hydrog ?    ? A U   11 O4    ? ? ? 1_555 A A   6  N6 ? ? A U   11  A A   6   6_555 ? ? ? ? ? ? WATSON-CRICK    ?     ? ? 
hydrog26 hydrog ?    ? A C   12 O2    ? ? ? 1_555 A N6G 5  N1 ? ? A C   12  A N6G 5   6_555 ? ? ? ? ? ? 'C-N6G MISPAIR' ?     ? ? 
hydrog27 hydrog ?    ? A C   13 N3    ? ? ? 1_555 A G   4  N1 ? ? A C   13  A G   4   6_555 ? ? ? ? ? ? WATSON-CRICK    ?     ? ? 
hydrog28 hydrog ?    ? A C   13 N4    ? ? ? 1_555 A G   4  O6 ? ? A C   13  A G   4   6_555 ? ? ? ? ? ? WATSON-CRICK    ?     ? ? 
hydrog29 hydrog ?    ? A C   13 O2    ? ? ? 1_555 A G   4  N2 ? ? A C   13  A G   4   6_555 ? ? ? ? ? ? WATSON-CRICK    ?     ? ? 
hydrog30 hydrog ?    ? A U   14 N3    ? ? ? 1_555 A A   3  N1 ? ? A U   14  A A   3   6_555 ? ? ? ? ? ? WATSON-CRICK    ?     ? ? 
hydrog31 hydrog ?    ? A U   14 O4    ? ? ? 1_555 A A   3  N6 ? ? A U   14  A A   3   6_555 ? ? ? ? ? ? WATSON-CRICK    ?     ? ? 
hydrog32 hydrog ?    ? A C   15 N3    ? ? ? 1_555 A G   2  N1 ? ? A C   15  A G   2   6_555 ? ? ? ? ? ? WATSON-CRICK    ?     ? ? 
hydrog33 hydrog ?    ? A C   15 N4    ? ? ? 1_555 A G   2  O6 ? ? A C   15  A G   2   6_555 ? ? ? ? ? ? WATSON-CRICK    ?     ? ? 
hydrog34 hydrog ?    ? A C   15 O2    ? ? ? 1_555 A G   2  N2 ? ? A C   15  A G   2   6_555 ? ? ? ? ? ? WATSON-CRICK    ?     ? ? 
hydrog35 hydrog ?    ? A U   16 N3    ? ? ? 1_555 A A   1  N1 ? ? A U   16  A A   1   6_555 ? ? ? ? ? ? WATSON-CRICK    ?     ? ? 
hydrog36 hydrog ?    ? A U   16 O4    ? ? ? 1_555 A A   1  N6 ? ? A U   16  A A   1   6_555 ? ? ? ? ? ? WATSON-CRICK    ?     ? ? 
# 
loop_
_struct_conn_type.id 
_struct_conn_type.criteria 
_struct_conn_type.reference 
covale ? ? 
metalc ? ? 
hydrog ? ? 
# 
loop_
_pdbx_validate_close_contact.id 
_pdbx_validate_close_contact.PDB_model_num 
_pdbx_validate_close_contact.auth_atom_id_1 
_pdbx_validate_close_contact.auth_asym_id_1 
_pdbx_validate_close_contact.auth_comp_id_1 
_pdbx_validate_close_contact.auth_seq_id_1 
_pdbx_validate_close_contact.PDB_ins_code_1 
_pdbx_validate_close_contact.label_alt_id_1 
_pdbx_validate_close_contact.auth_atom_id_2 
_pdbx_validate_close_contact.auth_asym_id_2 
_pdbx_validate_close_contact.auth_comp_id_2 
_pdbx_validate_close_contact.auth_seq_id_2 
_pdbx_validate_close_contact.PDB_ins_code_2 
_pdbx_validate_close_contact.label_alt_id_2 
_pdbx_validate_close_contact.dist 
1 1 O     A HOH 203 ? ? O A HOH 238 ? ? 1.82 
2 1 "O2'" A G   2   ? ? O A HOH 201 ? ? 1.91 
3 1 "O2'" A A   1   ? ? O A HOH 202 ? ? 2.02 
4 1 N7    A A   8   ? ? O A HOH 203 ? ? 2.03 
5 1 O     A HOH 203 ? ? O A HOH 264 ? ? 2.13 
6 1 O     A HOH 203 ? ? O A HOH 212 ? ? 2.14 
# 
_pdbx_validate_symm_contact.id                1 
_pdbx_validate_symm_contact.PDB_model_num     1 
_pdbx_validate_symm_contact.auth_atom_id_1    O 
_pdbx_validate_symm_contact.auth_asym_id_1    A 
_pdbx_validate_symm_contact.auth_comp_id_1    HOH 
_pdbx_validate_symm_contact.auth_seq_id_1     230 
_pdbx_validate_symm_contact.PDB_ins_code_1    ? 
_pdbx_validate_symm_contact.label_alt_id_1    ? 
_pdbx_validate_symm_contact.site_symmetry_1   1_555 
_pdbx_validate_symm_contact.auth_atom_id_2    O 
_pdbx_validate_symm_contact.auth_asym_id_2    A 
_pdbx_validate_symm_contact.auth_comp_id_2    HOH 
_pdbx_validate_symm_contact.auth_seq_id_2     230 
_pdbx_validate_symm_contact.PDB_ins_code_2    ? 
_pdbx_validate_symm_contact.label_alt_id_2    ? 
_pdbx_validate_symm_contact.site_symmetry_2   10_545 
_pdbx_validate_symm_contact.dist              2.13 
# 
loop_
_pdbx_validate_rmsd_angle.id 
_pdbx_validate_rmsd_angle.PDB_model_num 
_pdbx_validate_rmsd_angle.auth_atom_id_1 
_pdbx_validate_rmsd_angle.auth_asym_id_1 
_pdbx_validate_rmsd_angle.auth_comp_id_1 
_pdbx_validate_rmsd_angle.auth_seq_id_1 
_pdbx_validate_rmsd_angle.PDB_ins_code_1 
_pdbx_validate_rmsd_angle.label_alt_id_1 
_pdbx_validate_rmsd_angle.auth_atom_id_2 
_pdbx_validate_rmsd_angle.auth_asym_id_2 
_pdbx_validate_rmsd_angle.auth_comp_id_2 
_pdbx_validate_rmsd_angle.auth_seq_id_2 
_pdbx_validate_rmsd_angle.PDB_ins_code_2 
_pdbx_validate_rmsd_angle.label_alt_id_2 
_pdbx_validate_rmsd_angle.auth_atom_id_3 
_pdbx_validate_rmsd_angle.auth_asym_id_3 
_pdbx_validate_rmsd_angle.auth_comp_id_3 
_pdbx_validate_rmsd_angle.auth_seq_id_3 
_pdbx_validate_rmsd_angle.PDB_ins_code_3 
_pdbx_validate_rmsd_angle.label_alt_id_3 
_pdbx_validate_rmsd_angle.angle_value 
_pdbx_validate_rmsd_angle.angle_target_value 
_pdbx_validate_rmsd_angle.angle_deviation 
_pdbx_validate_rmsd_angle.angle_standard_deviation 
_pdbx_validate_rmsd_angle.linker_flag 
1 1 N1    A A 3  ? ? C6 A A 3  ? ? N6  A A 3  ? ? 122.74 118.60 4.14  0.60 N 
2 1 "O5'" A C 10 ? ? P  A C 10 ? ? OP2 A C 10 ? ? 100.02 105.70 -5.68 0.90 N 
3 1 "O3'" A U 11 ? ? P  A C 12 ? ? OP2 A C 12 ? ? 117.21 110.50 6.71  1.10 Y 
# 
loop_
_pdbx_struct_special_symmetry.id 
_pdbx_struct_special_symmetry.PDB_model_num 
_pdbx_struct_special_symmetry.auth_asym_id 
_pdbx_struct_special_symmetry.auth_comp_id 
_pdbx_struct_special_symmetry.auth_seq_id 
_pdbx_struct_special_symmetry.PDB_ins_code 
_pdbx_struct_special_symmetry.label_asym_id 
_pdbx_struct_special_symmetry.label_comp_id 
_pdbx_struct_special_symmetry.label_seq_id 
1 1 A HOH 234 ? C HOH . 
2 1 A HOH 250 ? C HOH . 
3 1 A HOH 252 ? C HOH . 
4 1 A HOH 253 ? C HOH . 
# 
_pdbx_entry_details.entry_id                 8TE0 
_pdbx_entry_details.has_ligand_of_interest   Y 
_pdbx_entry_details.compound_details         ? 
_pdbx_entry_details.source_details           ? 
_pdbx_entry_details.nonpolymer_details       ? 
_pdbx_entry_details.sequence_details         ? 
# 
loop_
_chem_comp_atom.comp_id 
_chem_comp_atom.atom_id 
_chem_comp_atom.type_symbol 
_chem_comp_atom.pdbx_aromatic_flag 
_chem_comp_atom.pdbx_stereo_config 
_chem_comp_atom.pdbx_ordinal 
A   OP3    O  N N 1   
A   P      P  N N 2   
A   OP1    O  N N 3   
A   OP2    O  N N 4   
A   "O5'"  O  N N 5   
A   "C5'"  C  N N 6   
A   "C4'"  C  N R 7   
A   "O4'"  O  N N 8   
A   "C3'"  C  N S 9   
A   "O3'"  O  N N 10  
A   "C2'"  C  N R 11  
A   "O2'"  O  N N 12  
A   "C1'"  C  N R 13  
A   N9     N  Y N 14  
A   C8     C  Y N 15  
A   N7     N  Y N 16  
A   C5     C  Y N 17  
A   C6     C  Y N 18  
A   N6     N  N N 19  
A   N1     N  Y N 20  
A   C2     C  Y N 21  
A   N3     N  Y N 22  
A   C4     C  Y N 23  
A   HOP3   H  N N 24  
A   HOP2   H  N N 25  
A   "H5'"  H  N N 26  
A   "H5''" H  N N 27  
A   "H4'"  H  N N 28  
A   "H3'"  H  N N 29  
A   "HO3'" H  N N 30  
A   "H2'"  H  N N 31  
A   "HO2'" H  N N 32  
A   "H1'"  H  N N 33  
A   H8     H  N N 34  
A   H61    H  N N 35  
A   H62    H  N N 36  
A   H2     H  N N 37  
C   OP3    O  N N 38  
C   P      P  N N 39  
C   OP1    O  N N 40  
C   OP2    O  N N 41  
C   "O5'"  O  N N 42  
C   "C5'"  C  N N 43  
C   "C4'"  C  N R 44  
C   "O4'"  O  N N 45  
C   "C3'"  C  N S 46  
C   "O3'"  O  N N 47  
C   "C2'"  C  N R 48  
C   "O2'"  O  N N 49  
C   "C1'"  C  N R 50  
C   N1     N  N N 51  
C   C2     C  N N 52  
C   O2     O  N N 53  
C   N3     N  N N 54  
C   C4     C  N N 55  
C   N4     N  N N 56  
C   C5     C  N N 57  
C   C6     C  N N 58  
C   HOP3   H  N N 59  
C   HOP2   H  N N 60  
C   "H5'"  H  N N 61  
C   "H5''" H  N N 62  
C   "H4'"  H  N N 63  
C   "H3'"  H  N N 64  
C   "HO3'" H  N N 65  
C   "H2'"  H  N N 66  
C   "HO2'" H  N N 67  
C   "H1'"  H  N N 68  
C   H41    H  N N 69  
C   H42    H  N N 70  
C   H5     H  N N 71  
C   H6     H  N N 72  
G   OP3    O  N N 73  
G   P      P  N N 74  
G   OP1    O  N N 75  
G   OP2    O  N N 76  
G   "O5'"  O  N N 77  
G   "C5'"  C  N N 78  
G   "C4'"  C  N R 79  
G   "O4'"  O  N N 80  
G   "C3'"  C  N S 81  
G   "O3'"  O  N N 82  
G   "C2'"  C  N R 83  
G   "O2'"  O  N N 84  
G   "C1'"  C  N R 85  
G   N9     N  Y N 86  
G   C8     C  Y N 87  
G   N7     N  Y N 88  
G   C5     C  Y N 89  
G   C6     C  N N 90  
G   O6     O  N N 91  
G   N1     N  N N 92  
G   C2     C  N N 93  
G   N2     N  N N 94  
G   N3     N  N N 95  
G   C4     C  Y N 96  
G   HOP3   H  N N 97  
G   HOP2   H  N N 98  
G   "H5'"  H  N N 99  
G   "H5''" H  N N 100 
G   "H4'"  H  N N 101 
G   "H3'"  H  N N 102 
G   "HO3'" H  N N 103 
G   "H2'"  H  N N 104 
G   "HO2'" H  N N 105 
G   "H1'"  H  N N 106 
G   H8     H  N N 107 
G   H1     H  N N 108 
G   H21    H  N N 109 
G   H22    H  N N 110 
HOH O      O  N N 111 
HOH H1     H  N N 112 
HOH H2     H  N N 113 
MG  MG     MG N N 114 
N6G P      P  N N 115 
N6G OP1    O  N N 116 
N6G OP2    O  N N 117 
N6G "O5'"  O  N N 118 
N6G "C5'"  C  N N 119 
N6G "C4'"  C  N R 120 
N6G "O4'"  O  N N 121 
N6G "C1'"  C  N R 122 
N6G N9     N  Y N 123 
N6G C4     C  Y N 124 
N6G N3     N  Y N 125 
N6G C2     C  Y N 126 
N6G N2     N  N N 127 
N6G N1     N  Y N 128 
N6G C6     C  Y N 129 
N6G N6     N  N N 130 
N6G C5     C  Y N 131 
N6G N7     N  Y N 132 
N6G C8     C  Y N 133 
N6G "C2'"  C  N R 134 
N6G "O2'"  O  N N 135 
N6G "C3'"  C  N S 136 
N6G "O3'"  O  N N 137 
N6G OP3    O  N N 138 
N6G HOP2   H  N N 139 
N6G "H5'"  H  N N 140 
N6G "H5''" H  N N 141 
N6G "H4'"  H  N N 142 
N6G "H1'"  H  N N 143 
N6G HN21   H  N N 144 
N6G HN22   H  N N 145 
N6G HN61   H  N N 146 
N6G HN62   H  N N 147 
N6G H8     H  N N 148 
N6G "H2'"  H  N N 149 
N6G "HO2'" H  N N 150 
N6G "H3'"  H  N N 151 
N6G "HO3'" H  N N 152 
N6G HOP3   H  N N 153 
U   OP3    O  N N 154 
U   P      P  N N 155 
U   OP1    O  N N 156 
U   OP2    O  N N 157 
U   "O5'"  O  N N 158 
U   "C5'"  C  N N 159 
U   "C4'"  C  N R 160 
U   "O4'"  O  N N 161 
U   "C3'"  C  N S 162 
U   "O3'"  O  N N 163 
U   "C2'"  C  N R 164 
U   "O2'"  O  N N 165 
U   "C1'"  C  N R 166 
U   N1     N  N N 167 
U   C2     C  N N 168 
U   O2     O  N N 169 
U   N3     N  N N 170 
U   C4     C  N N 171 
U   O4     O  N N 172 
U   C5     C  N N 173 
U   C6     C  N N 174 
U   HOP3   H  N N 175 
U   HOP2   H  N N 176 
U   "H5'"  H  N N 177 
U   "H5''" H  N N 178 
U   "H4'"  H  N N 179 
U   "H3'"  H  N N 180 
U   "HO3'" H  N N 181 
U   "H2'"  H  N N 182 
U   "HO2'" H  N N 183 
U   "H1'"  H  N N 184 
U   H3     H  N N 185 
U   H5     H  N N 186 
U   H6     H  N N 187 
# 
loop_
_chem_comp_bond.comp_id 
_chem_comp_bond.atom_id_1 
_chem_comp_bond.atom_id_2 
_chem_comp_bond.value_order 
_chem_comp_bond.pdbx_aromatic_flag 
_chem_comp_bond.pdbx_stereo_config 
_chem_comp_bond.pdbx_ordinal 
A   OP3   P      sing N N 1   
A   OP3   HOP3   sing N N 2   
A   P     OP1    doub N N 3   
A   P     OP2    sing N N 4   
A   P     "O5'"  sing N N 5   
A   OP2   HOP2   sing N N 6   
A   "O5'" "C5'"  sing N N 7   
A   "C5'" "C4'"  sing N N 8   
A   "C5'" "H5'"  sing N N 9   
A   "C5'" "H5''" sing N N 10  
A   "C4'" "O4'"  sing N N 11  
A   "C4'" "C3'"  sing N N 12  
A   "C4'" "H4'"  sing N N 13  
A   "O4'" "C1'"  sing N N 14  
A   "C3'" "O3'"  sing N N 15  
A   "C3'" "C2'"  sing N N 16  
A   "C3'" "H3'"  sing N N 17  
A   "O3'" "HO3'" sing N N 18  
A   "C2'" "O2'"  sing N N 19  
A   "C2'" "C1'"  sing N N 20  
A   "C2'" "H2'"  sing N N 21  
A   "O2'" "HO2'" sing N N 22  
A   "C1'" N9     sing N N 23  
A   "C1'" "H1'"  sing N N 24  
A   N9    C8     sing Y N 25  
A   N9    C4     sing Y N 26  
A   C8    N7     doub Y N 27  
A   C8    H8     sing N N 28  
A   N7    C5     sing Y N 29  
A   C5    C6     sing Y N 30  
A   C5    C4     doub Y N 31  
A   C6    N6     sing N N 32  
A   C6    N1     doub Y N 33  
A   N6    H61    sing N N 34  
A   N6    H62    sing N N 35  
A   N1    C2     sing Y N 36  
A   C2    N3     doub Y N 37  
A   C2    H2     sing N N 38  
A   N3    C4     sing Y N 39  
C   OP3   P      sing N N 40  
C   OP3   HOP3   sing N N 41  
C   P     OP1    doub N N 42  
C   P     OP2    sing N N 43  
C   P     "O5'"  sing N N 44  
C   OP2   HOP2   sing N N 45  
C   "O5'" "C5'"  sing N N 46  
C   "C5'" "C4'"  sing N N 47  
C   "C5'" "H5'"  sing N N 48  
C   "C5'" "H5''" sing N N 49  
C   "C4'" "O4'"  sing N N 50  
C   "C4'" "C3'"  sing N N 51  
C   "C4'" "H4'"  sing N N 52  
C   "O4'" "C1'"  sing N N 53  
C   "C3'" "O3'"  sing N N 54  
C   "C3'" "C2'"  sing N N 55  
C   "C3'" "H3'"  sing N N 56  
C   "O3'" "HO3'" sing N N 57  
C   "C2'" "O2'"  sing N N 58  
C   "C2'" "C1'"  sing N N 59  
C   "C2'" "H2'"  sing N N 60  
C   "O2'" "HO2'" sing N N 61  
C   "C1'" N1     sing N N 62  
C   "C1'" "H1'"  sing N N 63  
C   N1    C2     sing N N 64  
C   N1    C6     sing N N 65  
C   C2    O2     doub N N 66  
C   C2    N3     sing N N 67  
C   N3    C4     doub N N 68  
C   C4    N4     sing N N 69  
C   C4    C5     sing N N 70  
C   N4    H41    sing N N 71  
C   N4    H42    sing N N 72  
C   C5    C6     doub N N 73  
C   C5    H5     sing N N 74  
C   C6    H6     sing N N 75  
G   OP3   P      sing N N 76  
G   OP3   HOP3   sing N N 77  
G   P     OP1    doub N N 78  
G   P     OP2    sing N N 79  
G   P     "O5'"  sing N N 80  
G   OP2   HOP2   sing N N 81  
G   "O5'" "C5'"  sing N N 82  
G   "C5'" "C4'"  sing N N 83  
G   "C5'" "H5'"  sing N N 84  
G   "C5'" "H5''" sing N N 85  
G   "C4'" "O4'"  sing N N 86  
G   "C4'" "C3'"  sing N N 87  
G   "C4'" "H4'"  sing N N 88  
G   "O4'" "C1'"  sing N N 89  
G   "C3'" "O3'"  sing N N 90  
G   "C3'" "C2'"  sing N N 91  
G   "C3'" "H3'"  sing N N 92  
G   "O3'" "HO3'" sing N N 93  
G   "C2'" "O2'"  sing N N 94  
G   "C2'" "C1'"  sing N N 95  
G   "C2'" "H2'"  sing N N 96  
G   "O2'" "HO2'" sing N N 97  
G   "C1'" N9     sing N N 98  
G   "C1'" "H1'"  sing N N 99  
G   N9    C8     sing Y N 100 
G   N9    C4     sing Y N 101 
G   C8    N7     doub Y N 102 
G   C8    H8     sing N N 103 
G   N7    C5     sing Y N 104 
G   C5    C6     sing N N 105 
G   C5    C4     doub Y N 106 
G   C6    O6     doub N N 107 
G   C6    N1     sing N N 108 
G   N1    C2     sing N N 109 
G   N1    H1     sing N N 110 
G   C2    N2     sing N N 111 
G   C2    N3     doub N N 112 
G   N2    H21    sing N N 113 
G   N2    H22    sing N N 114 
G   N3    C4     sing N N 115 
HOH O     H1     sing N N 116 
HOH O     H2     sing N N 117 
N6G P     OP1    doub N N 118 
N6G P     OP2    sing N N 119 
N6G P     "O5'"  sing N N 120 
N6G P     OP3    sing N N 121 
N6G OP2   HOP2   sing N N 122 
N6G "O5'" "C5'"  sing N N 123 
N6G "C5'" "C4'"  sing N N 124 
N6G "C5'" "H5'"  sing N N 125 
N6G "C5'" "H5''" sing N N 126 
N6G "C4'" "O4'"  sing N N 127 
N6G "C4'" "C3'"  sing N N 128 
N6G "C4'" "H4'"  sing N N 129 
N6G "O4'" "C1'"  sing N N 130 
N6G "C1'" N9     sing N N 131 
N6G "C1'" "C2'"  sing N N 132 
N6G "C1'" "H1'"  sing N N 133 
N6G N9    C4     sing Y N 134 
N6G N9    C8     sing Y N 135 
N6G C4    N3     sing Y N 136 
N6G C4    C5     doub Y N 137 
N6G N3    C2     doub Y N 138 
N6G C2    N2     sing N N 139 
N6G C2    N1     sing Y N 140 
N6G N2    HN21   sing N N 141 
N6G N2    HN22   sing N N 142 
N6G N1    C6     doub Y N 143 
N6G C6    N6     sing N N 144 
N6G C6    C5     sing Y N 145 
N6G N6    HN61   sing N N 146 
N6G N6    HN62   sing N N 147 
N6G C5    N7     sing Y N 148 
N6G N7    C8     doub Y N 149 
N6G C8    H8     sing N N 150 
N6G "C2'" "O2'"  sing N N 151 
N6G "C2'" "C3'"  sing N N 152 
N6G "C2'" "H2'"  sing N N 153 
N6G "O2'" "HO2'" sing N N 154 
N6G "C3'" "O3'"  sing N N 155 
N6G "C3'" "H3'"  sing N N 156 
N6G "O3'" "HO3'" sing N N 157 
N6G OP3   HOP3   sing N N 158 
U   OP3   P      sing N N 159 
U   OP3   HOP3   sing N N 160 
U   P     OP1    doub N N 161 
U   P     OP2    sing N N 162 
U   P     "O5'"  sing N N 163 
U   OP2   HOP2   sing N N 164 
U   "O5'" "C5'"  sing N N 165 
U   "C5'" "C4'"  sing N N 166 
U   "C5'" "H5'"  sing N N 167 
U   "C5'" "H5''" sing N N 168 
U   "C4'" "O4'"  sing N N 169 
U   "C4'" "C3'"  sing N N 170 
U   "C4'" "H4'"  sing N N 171 
U   "O4'" "C1'"  sing N N 172 
U   "C3'" "O3'"  sing N N 173 
U   "C3'" "C2'"  sing N N 174 
U   "C3'" "H3'"  sing N N 175 
U   "O3'" "HO3'" sing N N 176 
U   "C2'" "O2'"  sing N N 177 
U   "C2'" "C1'"  sing N N 178 
U   "C2'" "H2'"  sing N N 179 
U   "O2'" "HO2'" sing N N 180 
U   "C1'" N1     sing N N 181 
U   "C1'" "H1'"  sing N N 182 
U   N1    C2     sing N N 183 
U   N1    C6     sing N N 184 
U   C2    O2     doub N N 185 
U   C2    N3     sing N N 186 
U   N3    C4     sing N N 187 
U   N3    H3     sing N N 188 
U   C4    O4     doub N N 189 
U   C4    C5     sing N N 190 
U   C5    C6     doub N N 191 
U   C5    H5     sing N N 192 
U   C6    H6     sing N N 193 
# 
loop_
_ndb_struct_conf_na.entry_id 
_ndb_struct_conf_na.feature 
8TE0 'a-form double helix'  
8TE0 'mismatched base pair' 
# 
loop_
_ndb_struct_na_base_pair.model_number 
_ndb_struct_na_base_pair.i_label_asym_id 
_ndb_struct_na_base_pair.i_label_comp_id 
_ndb_struct_na_base_pair.i_label_seq_id 
_ndb_struct_na_base_pair.i_symmetry 
_ndb_struct_na_base_pair.j_label_asym_id 
_ndb_struct_na_base_pair.j_label_comp_id 
_ndb_struct_na_base_pair.j_label_seq_id 
_ndb_struct_na_base_pair.j_symmetry 
_ndb_struct_na_base_pair.shear 
_ndb_struct_na_base_pair.stretch 
_ndb_struct_na_base_pair.stagger 
_ndb_struct_na_base_pair.buckle 
_ndb_struct_na_base_pair.propeller 
_ndb_struct_na_base_pair.opening 
_ndb_struct_na_base_pair.pair_number 
_ndb_struct_na_base_pair.pair_name 
_ndb_struct_na_base_pair.i_auth_asym_id 
_ndb_struct_na_base_pair.i_auth_seq_id 
_ndb_struct_na_base_pair.i_PDB_ins_code 
_ndb_struct_na_base_pair.j_auth_asym_id 
_ndb_struct_na_base_pair.j_auth_seq_id 
_ndb_struct_na_base_pair.j_PDB_ins_code 
_ndb_struct_na_base_pair.hbond_type_28 
_ndb_struct_na_base_pair.hbond_type_12 
1 A A   1  1_555 A U   16 6_555 0.145  0.021  -0.114 -2.725  -2.748  -7.309 1  A_A1:U16_A   A 1  ? A 16 ? 20 1 
1 A G   2  1_555 A C   15 6_555 0.153  -0.094 -0.001 0.277   -14.951 -0.633 2  A_G2:C15_A   A 2  ? A 15 ? 19 1 
1 A A   3  1_555 A U   14 6_555 0.127  -0.177 -0.008 3.747   -11.275 -7.961 3  A_A3:U14_A   A 3  ? A 14 ? 20 1 
1 A G   4  1_555 A C   13 6_555 -0.119 -0.160 -0.157 -6.679  -19.791 2.511  4  A_G4:C13_A   A 4  ? A 13 ? 19 1 
1 A N6G 5  1_555 A C   12 6_555 -2.497 -0.510 -0.037 -3.334  -9.766  5.204  5  A_N6G5:C12_A A 5  ? A 12 ? ?  1 
1 A A   6  1_555 A U   11 6_555 -0.038 -0.127 -0.134 -1.928  -11.534 2.005  6  A_A6:U11_A   A 6  ? A 11 ? 20 1 
1 A G   7  1_555 A C   10 6_555 -0.161 -0.134 -0.138 -10.404 -13.583 0.863  7  A_G7:C10_A   A 7  ? A 10 ? 19 1 
1 A A   8  1_555 A U   9  6_555 -0.051 -0.184 -0.007 -6.132  -9.016  3.010  8  A_A8:U9_A    A 8  ? A 9  ? 20 1 
1 A U   9  1_555 A A   8  6_555 0.051  -0.184 -0.007 6.132   -9.016  3.010  9  A_U9:A8_A    A 9  ? A 8  ? 20 1 
1 A C   10 1_555 A G   7  6_555 0.161  -0.134 -0.138 10.404  -13.583 0.863  10 A_C10:G7_A   A 10 ? A 7  ? 19 1 
1 A U   11 1_555 A A   6  6_555 0.038  -0.127 -0.134 1.928   -11.534 2.005  11 A_U11:A6_A   A 11 ? A 6  ? 20 1 
1 A C   12 1_555 A N6G 5  6_555 2.497  -0.510 -0.037 3.334   -9.766  5.204  12 A_C12:N6G5_A A 12 ? A 5  ? ?  1 
1 A C   13 1_555 A G   4  6_555 0.119  -0.160 -0.157 6.679   -19.791 2.511  13 A_C13:G4_A   A 13 ? A 4  ? 19 1 
1 A U   14 1_555 A A   3  6_555 -0.127 -0.177 -0.008 -3.747  -11.275 -7.961 14 A_U14:A3_A   A 14 ? A 3  ? 20 1 
1 A C   15 1_555 A G   2  6_555 -0.153 -0.094 -0.001 -0.277  -14.951 -0.633 15 A_C15:G2_A   A 15 ? A 2  ? 19 1 
1 A U   16 1_555 A A   1  6_555 -0.145 0.021  -0.114 2.725   -2.748  -7.309 16 A_U16:A1_A   A 16 ? A 1  ? 20 1 
# 
loop_
_ndb_struct_na_base_pair_step.model_number 
_ndb_struct_na_base_pair_step.i_label_asym_id_1 
_ndb_struct_na_base_pair_step.i_label_comp_id_1 
_ndb_struct_na_base_pair_step.i_label_seq_id_1 
_ndb_struct_na_base_pair_step.i_symmetry_1 
_ndb_struct_na_base_pair_step.j_label_asym_id_1 
_ndb_struct_na_base_pair_step.j_label_comp_id_1 
_ndb_struct_na_base_pair_step.j_label_seq_id_1 
_ndb_struct_na_base_pair_step.j_symmetry_1 
_ndb_struct_na_base_pair_step.i_label_asym_id_2 
_ndb_struct_na_base_pair_step.i_label_comp_id_2 
_ndb_struct_na_base_pair_step.i_label_seq_id_2 
_ndb_struct_na_base_pair_step.i_symmetry_2 
_ndb_struct_na_base_pair_step.j_label_asym_id_2 
_ndb_struct_na_base_pair_step.j_label_comp_id_2 
_ndb_struct_na_base_pair_step.j_label_seq_id_2 
_ndb_struct_na_base_pair_step.j_symmetry_2 
_ndb_struct_na_base_pair_step.shift 
_ndb_struct_na_base_pair_step.slide 
_ndb_struct_na_base_pair_step.rise 
_ndb_struct_na_base_pair_step.tilt 
_ndb_struct_na_base_pair_step.roll 
_ndb_struct_na_base_pair_step.twist 
_ndb_struct_na_base_pair_step.x_displacement 
_ndb_struct_na_base_pair_step.y_displacement 
_ndb_struct_na_base_pair_step.helical_rise 
_ndb_struct_na_base_pair_step.inclination 
_ndb_struct_na_base_pair_step.tip 
_ndb_struct_na_base_pair_step.helical_twist 
_ndb_struct_na_base_pair_step.step_number 
_ndb_struct_na_base_pair_step.step_name 
_ndb_struct_na_base_pair_step.i_auth_asym_id_1 
_ndb_struct_na_base_pair_step.i_auth_seq_id_1 
_ndb_struct_na_base_pair_step.i_PDB_ins_code_1 
_ndb_struct_na_base_pair_step.j_auth_asym_id_1 
_ndb_struct_na_base_pair_step.j_auth_seq_id_1 
_ndb_struct_na_base_pair_step.j_PDB_ins_code_1 
_ndb_struct_na_base_pair_step.i_auth_asym_id_2 
_ndb_struct_na_base_pair_step.i_auth_seq_id_2 
_ndb_struct_na_base_pair_step.i_PDB_ins_code_2 
_ndb_struct_na_base_pair_step.j_auth_asym_id_2 
_ndb_struct_na_base_pair_step.j_auth_seq_id_2 
_ndb_struct_na_base_pair_step.j_PDB_ins_code_2 
1 A A   1  1_555 A U   16 6_555 A G   2  1_555 A C   15 6_555 0.367  -1.189 3.260 -0.022 4.811  31.540 -3.013 -0.672 3.050 8.787  
0.041   31.896 1  AA_A1G2:C15U16_AA   A 1  ? A 16 ? A 2  ? A 15 ? 
1 A G   2  1_555 A C   15 6_555 A A   3  1_555 A U   14 6_555 -0.260 -1.239 3.169 -0.342 3.860  32.388 -2.842 0.407  3.007 6.889  
0.611   32.613 2  AA_G2A3:U14C15_AA   A 2  ? A 15 ? A 3  ? A 14 ? 
1 A A   3  1_555 A U   14 6_555 A G   4  1_555 A C   13 6_555 0.972  -1.540 3.408 2.405  12.758 32.283 -4.471 -1.271 2.689 21.872 
-4.123  34.731 3  AA_A3G4:C13U14_AA   A 3  ? A 14 ? A 4  ? A 13 ? 
1 A G   4  1_555 A C   13 6_555 A N6G 5  1_555 A C   12 6_555 -0.223 -1.836 2.910 -5.984 11.278 24.592 -5.976 -0.666 1.903 24.482 
12.990  27.663 4  AA_G4N6G5:C12C13_AA A 4  ? A 13 ? A 5  ? A 12 ? 
1 A N6G 5  1_555 A C   12 6_555 A A   6  1_555 A U   11 6_555 0.119  -1.011 3.283 0.054  5.687  40.015 -2.093 -0.167 3.117 8.261  
-0.078  40.401 5  AA_N6G5A6:U11C12_AA A 5  ? A 12 ? A 6  ? A 11 ? 
1 A A   6  1_555 A U   11 6_555 A G   7  1_555 A C   10 6_555 0.501  -1.907 3.402 3.087  11.838 31.813 -5.049 -0.389 2.585 20.666 
-5.388  34.027 6  AA_A6G7:C10U11_AA   A 6  ? A 11 ? A 7  ? A 10 ? 
1 A G   7  1_555 A C   10 6_555 A A   8  1_555 A U   9  6_555 -0.400 -1.700 3.133 -0.013 5.069  30.396 -4.107 0.750  2.819 9.584  
0.024   30.806 7  AA_G7A8:U9C10_AA    A 7  ? A 10 ? A 8  ? A 9  ? 
1 A A   8  1_555 A U   9  6_555 A U   9  1_555 A A   8  6_555 0.000  -0.877 2.974 0.000  6.167  29.891 -2.751 0.000  2.742 11.797 
0.000   30.506 8  AA_A8U9:A8U9_AA     A 8  ? A 9  ? A 9  ? A 8  ? 
1 A U   9  1_555 A A   8  6_555 A C   10 1_555 A G   7  6_555 0.400  -1.700 3.133 0.013  5.069  30.396 -4.107 -0.750 2.819 9.584  
-0.024  30.806 9  AA_U9C10:G7A8_AA    A 9  ? A 8  ? A 10 ? A 7  ? 
1 A C   10 1_555 A G   7  6_555 A U   11 1_555 A A   6  6_555 -0.501 -1.907 3.402 -3.087 11.838 31.813 -5.049 0.389  2.585 20.666 
5.388   34.027 10 AA_C10U11:A6G7_AA   A 10 ? A 7  ? A 11 ? A 6  ? 
1 A U   11 1_555 A A   6  6_555 A C   12 1_555 A N6G 5  6_555 -0.119 -1.011 3.283 -0.054 5.687  40.015 -2.093 0.167  3.117 8.261  
0.078   40.401 11 AA_U11C12:N6G5A6_AA A 11 ? A 6  ? A 12 ? A 5  ? 
1 A C   12 1_555 A N6G 5  6_555 A C   13 1_555 A G   4  6_555 0.223  -1.836 2.910 5.984  11.278 24.592 -5.976 0.666  1.903 24.482 
-12.990 27.663 12 AA_C12C13:G4N6G5_AA A 12 ? A 5  ? A 13 ? A 4  ? 
1 A C   13 1_555 A G   4  6_555 A U   14 1_555 A A   3  6_555 -0.972 -1.540 3.408 -2.405 12.758 32.283 -4.471 1.271  2.689 21.872 
4.123   34.731 13 AA_C13U14:A3G4_AA   A 13 ? A 4  ? A 14 ? A 3  ? 
1 A U   14 1_555 A A   3  6_555 A C   15 1_555 A G   2  6_555 0.260  -1.239 3.169 0.342  3.860  32.388 -2.842 -0.407 3.007 6.889  
-0.611  32.613 14 AA_U14C15:G2A3_AA   A 14 ? A 3  ? A 15 ? A 2  ? 
1 A C   15 1_555 A G   2  6_555 A U   16 1_555 A A   1  6_555 -0.367 -1.189 3.260 0.022  4.811  31.540 -3.013 0.672  3.050 8.787  
-0.041  31.896 15 AA_C15U16:A1G2_AA   A 15 ? A 2  ? A 16 ? A 1  ? 
# 
loop_
_pdbx_audit_support.funding_organization 
_pdbx_audit_support.country 
_pdbx_audit_support.grant_number 
_pdbx_audit_support.ordinal 
'National Science Foundation (NSF, United States)' 'United States' 2104708 1 
'Simons Foundation'                                'United States' 290363  2 
# 
_pdbx_entity_instance_feature.ordinal        1 
_pdbx_entity_instance_feature.comp_id        N6G 
_pdbx_entity_instance_feature.asym_id        ? 
_pdbx_entity_instance_feature.seq_num        ? 
_pdbx_entity_instance_feature.auth_comp_id   N6G 
_pdbx_entity_instance_feature.auth_asym_id   ? 
_pdbx_entity_instance_feature.auth_seq_num   ? 
_pdbx_entity_instance_feature.feature_type   'SUBJECT OF INVESTIGATION' 
_pdbx_entity_instance_feature.details        ? 
# 
_pdbx_initial_refinement_model.id               1 
_pdbx_initial_refinement_model.entity_id_list   ? 
_pdbx_initial_refinement_model.type             'experimental model' 
_pdbx_initial_refinement_model.source_name      PDB 
_pdbx_initial_refinement_model.accession_code   3ND4 
_pdbx_initial_refinement_model.details          ? 
# 
_atom_sites.entry_id                    8TE0 
_atom_sites.Cartn_transf_matrix[1][1]   ? 
_atom_sites.Cartn_transf_matrix[1][2]   ? 
_atom_sites.Cartn_transf_matrix[1][3]   ? 
_atom_sites.Cartn_transf_matrix[2][1]   ? 
_atom_sites.Cartn_transf_matrix[2][2]   ? 
_atom_sites.Cartn_transf_matrix[2][3]   ? 
_atom_sites.Cartn_transf_matrix[3][1]   ? 
_atom_sites.Cartn_transf_matrix[3][2]   ? 
_atom_sites.Cartn_transf_matrix[3][3]   ? 
_atom_sites.Cartn_transf_vector[1]      ? 
_atom_sites.Cartn_transf_vector[2]      ? 
_atom_sites.Cartn_transf_vector[3]      ? 
_atom_sites.fract_transf_matrix[1][1]   0.02376339 
_atom_sites.fract_transf_matrix[1][2]   -0.01311247 
_atom_sites.fract_transf_matrix[1][3]   -0.00122611 
_atom_sites.fract_transf_matrix[2][1]   0.02309502 
_atom_sites.fract_transf_matrix[2][2]   0.01398990 
_atom_sites.fract_transf_matrix[2][3]   -0.00300957 
_atom_sites.fract_transf_matrix[3][1]   0.00068142 
_atom_sites.fract_transf_matrix[3][2]   0.00051995 
_atom_sites.fract_transf_matrix[3][3]   0.00764611 
_atom_sites.fract_transf_vector[1]      -0.023497 
_atom_sites.fract_transf_vector[2]      -0.428632 
_atom_sites.fract_transf_vector[3]      0.012770 
_atom_sites.solution_primary            ? 
_atom_sites.solution_secondary          ? 
_atom_sites.solution_hydrogens          ? 
_atom_sites.special_details             ? 
# 
loop_
_atom_type.symbol 
_atom_type.pdbx_scat_Z 
_atom_type.pdbx_N_electrons 
_atom_type.scat_Cromer_Mann_a1 
_atom_type.scat_Cromer_Mann_b1 
_atom_type.scat_Cromer_Mann_a2 
_atom_type.scat_Cromer_Mann_b2 
_atom_type.scat_Cromer_Mann_a3 
_atom_type.scat_Cromer_Mann_b3 
_atom_type.scat_Cromer_Mann_a4 
_atom_type.scat_Cromer_Mann_b4 
_atom_type.scat_Cromer_Mann_c 
C  6  6  2.3103  20.8439 1.0201 10.2075 1.5888 0.5687  0.8651 51.6512 0.2156   
H  1  1  0.4930  10.5109 0.3229 26.1257 0.1402 3.1424  0.0408 57.7997 0.0030   
MG 12 12 5.4265  2.8275  2.1759 79.2611 1.2283 0.3808  2.3099 7.1937  0.8594   
N  7  7  12.2220 0.0057  3.1346 9.8933  2.0141 28.9975 1.1672 0.5826  -11.5379 
O  8  8  3.0487  13.2771 2.2870 5.7011  1.5464 0.3239  0.8671 32.9089 0.2508   
P  15 15 6.4348  1.9067  4.1793 27.1570 1.7801 0.5260  1.4909 68.1645 1.1150   
# 
loop_
_atom_site.group_PDB 
_atom_site.id 
_atom_site.type_symbol 
_atom_site.label_atom_id 
_atom_site.label_alt_id 
_atom_site.label_comp_id 
_atom_site.label_asym_id 
_atom_site.label_entity_id 
_atom_site.label_seq_id 
_atom_site.pdbx_PDB_ins_code 
_atom_site.Cartn_x 
_atom_site.Cartn_y 
_atom_site.Cartn_z 
_atom_site.occupancy 
_atom_site.B_iso_or_equiv 
_atom_site.pdbx_formal_charge 
_atom_site.auth_seq_id 
_atom_site.auth_comp_id 
_atom_site.auth_asym_id 
_atom_site.auth_atom_id 
_atom_site.pdbx_PDB_model_num 
_atom_site.calc_flag 
ATOM   1   O  "O5'" . A   A 1 1  ? -2.192  6.322   -19.329 1.000 29.479 0 1   A   A "O5'" 1 ? 
ATOM   2   C  "C5'" . A   A 1 1  ? -3.321  7.226   -19.253 1.000 24.838 0 1   A   A "C5'" 1 ? 
ATOM   3   C  "C4'" . A   A 1 1  ? -4.616  6.460   -19.344 1.000 21.718 0 1   A   A "C4'" 1 ? 
ATOM   4   O  "O4'" . A   A 1 1  ? -4.725  5.790   -20.622 1.000 23.244 0 1   A   A "O4'" 1 ? 
ATOM   5   C  "C3'" . A   A 1 1  ? -4.813  5.336   -18.335 1.000 21.618 0 1   A   A "C3'" 1 ? 
ATOM   6   O  "O3'" . A   A 1 1  ? -5.284  5.864   -17.103 1.000 22.307 0 1   A   A "O3'" 1 ? 
ATOM   7   C  "C2'" . A   A 1 1  ? -5.888  4.535   -19.068 1.000 20.430 0 1   A   A "C2'" 1 ? 
ATOM   8   O  "O2'" . A   A 1 1  ? -7.079  5.278   -18.933 1.000 26.006 0 1   A   A "O2'" 1 ? 
ATOM   9   C  "C1'" . A   A 1 1  ? -5.369  4.542   -20.504 1.000 20.406 0 1   A   A "C1'" 1 ? 
ATOM   10  N  N9    . A   A 1 1  ? -4.423  3.464   -20.839 1.000 17.834 0 1   A   A N9    1 ? 
ATOM   11  C  C8    . A   A 1 1  ? -3.073  3.649   -20.977 1.000 18.611 0 1   A   A C8    1 ? 
ATOM   12  N  N7    . A   A 1 1  ? -2.434  2.555   -21.318 1.000 16.732 0 1   A   A N7    1 ? 
ATOM   13  C  C5    . A   A 1 1  ? -3.395  1.572   -21.405 1.000 14.030 0 1   A   A C5    1 ? 
ATOM   14  C  C6    . A   A 1 1  ? -3.319  0.198   -21.724 1.000 13.566 0 1   A   A C6    1 ? 
ATOM   15  N  N6    . A   A 1 1  ? -2.190  -0.423  -22.040 1.000 13.081 0 1   A   A N6    1 ? 
ATOM   16  N  N1    . A   A 1 1  ? -4.456  -0.546  -21.759 1.000 15.913 0 1   A   A N1    1 ? 
ATOM   17  C  C2    . A   A 1 1  ? -5.589  0.123   -21.491 1.000 17.707 0 1   A   A C2    1 ? 
ATOM   18  N  N3    . A   A 1 1  ? -5.768  1.403   -21.136 1.000 20.255 0 1   A   A N3    1 ? 
ATOM   19  C  C4    . A   A 1 1  ? -4.639  2.123   -21.138 1.000 15.952 0 1   A   A C4    1 ? 
ATOM   20  P  P     . G   A 1 2  ? -5.045  5.063   -15.726 1.000 19.672 0 2   G   A P     1 ? 
ATOM   21  O  OP1   . G   A 1 2  ? -5.615  5.927   -14.635 1.000 23.213 0 2   G   A OP1   1 ? 
ATOM   22  O  OP2   . G   A 1 2  ? -3.579  4.731   -15.705 1.000 23.708 0 2   G   A OP2   1 ? 
ATOM   23  O  "O5'" . G   A 1 2  ? -5.927  3.753   -16.035 1.000 17.654 0 2   G   A "O5'" 1 ? 
ATOM   24  C  "C5'" . G   A 1 2  ? -7.314  3.865   -16.139 1.000 15.335 0 2   G   A "C5'" 1 ? 
ATOM   25  C  "C4'" . G   A 1 2  ? -7.911  2.505   -16.338 1.000 17.560 0 2   G   A "C4'" 1 ? 
ATOM   26  O  "O4'" . G   A 1 2  ? -7.489  1.996   -17.620 1.000 18.115 0 2   G   A "O4'" 1 ? 
ATOM   27  C  "C3'" . G   A 1 2  ? -7.452  1.426   -15.343 1.000 17.830 0 2   G   A "C3'" 1 ? 
ATOM   28  O  "O3'" . G   A 1 2  ? -8.235  1.366   -14.146 1.000 19.678 0 2   G   A "O3'" 1 ? 
ATOM   29  C  "C2'" . G   A 1 2  ? -7.684  0.163   -16.172 1.000 17.712 0 2   G   A "C2'" 1 ? 
ATOM   30  O  "O2'" . G   A 1 2  ? -9.066  -0.104  -16.155 1.000 17.552 0 2   G   A "O2'" 1 ? 
ATOM   31  C  "C1'" . G   A 1 2  ? -7.209  0.598   -17.555 1.000 18.502 0 2   G   A "C1'" 1 ? 
ATOM   32  N  N9    . G   A 1 2  ? -5.790  0.386   -17.817 1.000 16.518 0 2   G   A N9    1 ? 
ATOM   33  C  C8    . G   A 1 2  ? -4.772  1.291   -17.635 1.000 16.696 0 2   G   A C8    1 ? 
ATOM   34  N  N7    . G   A 1 2  ? -3.575  0.816   -17.919 1.000 17.059 0 2   G   A N7    1 ? 
ATOM   35  C  C5    . G   A 1 2  ? -3.843  -0.499  -18.305 1.000 13.762 0 2   G   A C5    1 ? 
ATOM   36  C  C6    . G   A 1 2  ? -2.941  -1.514  -18.719 1.000 13.060 0 2   G   A C6    1 ? 
ATOM   37  O  O6    . G   A 1 2  ? -1.732  -1.414  -18.895 1.000 15.125 0 2   G   A O6    1 ? 
ATOM   38  N  N1    . G   A 1 2  ? -3.606  -2.679  -19.016 1.000 12.669 0 2   G   A N1    1 ? 
ATOM   39  C  C2    . G   A 1 2  ? -4.948  -2.897  -18.866 1.000 13.859 0 2   G   A C2    1 ? 
ATOM   40  N  N2    . G   A 1 2  ? -5.419  -4.114  -19.167 1.000 14.794 0 2   G   A N2    1 ? 
ATOM   41  N  N3    . G   A 1 2  ? -5.823  -1.949  -18.516 1.000 15.845 0 2   G   A N3    1 ? 
ATOM   42  C  C4    . G   A 1 2  ? -5.189  -0.770  -18.273 1.000 14.557 0 2   G   A C4    1 ? 
ATOM   43  P  P     . A   A 1 3  ? -7.567  0.867   -12.785 1.000 22.531 0 3   A   A P     1 ? 
ATOM   44  O  OP1   . A   A 1 3  ? -8.494  1.163   -11.639 1.000 26.357 0 3   A   A OP1   1 ? 
ATOM   45  O  OP2   . A   A 1 3  ? -6.149  1.317   -12.588 1.000 22.160 0 3   A   A OP2   1 ? 
ATOM   46  O  "O5'" . A   A 1 3  ? -7.565  -0.672  -13.166 1.000 23.507 0 3   A   A "O5'" 1 ? 
ATOM   47  C  "C5'" . A   A 1 3  ? -8.815  -1.398  -13.257 1.000 20.907 0 3   A   A "C5'" 1 ? 
ATOM   48  C  "C4'" . A   A 1 3  ? -8.482  -2.848  -13.490 1.000 19.876 0 3   A   A "C4'" 1 ? 
ATOM   49  O  "O4'" . A   A 1 3  ? -7.820  -2.937  -14.784 1.000 20.509 0 3   A   A "O4'" 1 ? 
ATOM   50  C  "C3'" . A   A 1 3  ? -7.465  -3.508  -12.541 1.000 18.942 0 3   A   A "C3'" 1 ? 
ATOM   51  O  "O3'" . A   A 1 3  ? -7.968  -4.101  -11.334 1.000 18.757 0 3   A   A "O3'" 1 ? 
ATOM   52  C  "C2'" . A   A 1 3  ? -6.905  -4.603  -13.455 1.000 18.665 0 3   A   A "C2'" 1 ? 
ATOM   53  O  "O2'" . A   A 1 3  ? -7.832  -5.652  -13.563 1.000 17.161 0 3   A   A "O2'" 1 ? 
ATOM   54  C  "C1'" . A   A 1 3  ? -6.816  -3.925  -14.818 1.000 19.934 0 3   A   A "C1'" 1 ? 
ATOM   55  N  N9    . A   A 1 3  ? -5.525  -3.324  -15.115 1.000 17.888 0 3   A   A N9    1 ? 
ATOM   56  C  C8    . A   A 1 3  ? -5.079  -2.071  -14.779 1.000 16.979 0 3   A   A C8    1 ? 
ATOM   57  N  N7    . A   A 1 3  ? -3.815  -1.868  -15.053 1.000 16.262 0 3   A   A N7    1 ? 
ATOM   58  C  C5    . A   A 1 3  ? -3.418  -3.101  -15.576 1.000 14.632 0 3   A   A C5    1 ? 
ATOM   59  C  C6    . A   A 1 3  ? -2.189  -3.560  -16.063 1.000 12.274 0 3   A   A C6    1 ? 
ATOM   60  N  N6    . A   A 1 3  ? -1.157  -2.742  -16.097 1.000 13.144 0 3   A   A N6    1 ? 
ATOM   61  N  N1    . A   A 1 3  ? -2.101  -4.873  -16.422 1.000 11.769 0 3   A   A N1    1 ? 
ATOM   62  C  C2    . A   A 1 3  ? -3.165  -5.670  -16.358 1.000 12.370 0 3   A   A C2    1 ? 
ATOM   63  N  N3    . A   A 1 3  ? -4.403  -5.328  -15.952 1.000 13.568 0 3   A   A N3    1 ? 
ATOM   64  C  C4    . A   A 1 3  ? -4.435  -4.026  -15.583 1.000 16.352 0 3   A   A C4    1 ? 
ATOM   65  P  P     . G   A 1 4  ? -7.043  -4.143  -10.037 1.000 20.402 0 4   G   A P     1 ? 
ATOM   66  O  OP1   . G   A 1 4  ? -7.996  -4.616  -8.976  1.000 20.423 0 4   G   A OP1   1 ? 
ATOM   67  O  OP2   . G   A 1 4  ? -6.326  -2.845  -9.796  1.000 22.416 0 4   G   A OP2   1 ? 
ATOM   68  O  "O5'" . G   A 1 4  ? -5.980  -5.322  -10.373 1.000 16.552 0 4   G   A "O5'" 1 ? 
ATOM   69  C  "C5'" . G   A 1 4  ? -6.464  -6.651  -10.657 1.000 14.175 0 4   G   A "C5'" 1 ? 
ATOM   70  C  "C4'" . G   A 1 4  ? -5.359  -7.553  -11.168 1.000 13.971 0 4   G   A "C4'" 1 ? 
ATOM   71  O  "O4'" . G   A 1 4  ? -4.972  -7.102  -12.496 1.000 12.667 0 4   G   A "O4'" 1 ? 
ATOM   72  C  "C3'" . G   A 1 4  ? -4.028  -7.611  -10.406 1.000 13.208 0 4   G   A "C3'" 1 ? 
ATOM   73  O  "O3'" . G   A 1 4  ? -4.106  -8.487  -9.261  1.000 12.848 0 4   G   A "O3'" 1 ? 
ATOM   74  C  "C2'" . G   A 1 4  ? -3.089  -8.093  -11.514 1.000 12.526 0 4   G   A "C2'" 1 ? 
ATOM   75  O  "O2'" . G   A 1 4  ? -3.151  -9.475  -11.787 1.000 11.957 0 4   G   A "O2'" 1 ? 
ATOM   76  C  "C1'" . G   A 1 4  ? -3.591  -7.291  -12.717 1.000 11.723 0 4   G   A "C1'" 1 ? 
ATOM   77  N  N9    . G   A 1 4  ? -2.908  -6.003  -12.785 1.000 11.369 0 4   G   A N9    1 ? 
ATOM   78  C  C8    . G   A 1 4  ? -3.329  -4.754  -12.417 1.000 11.066 0 4   G   A C8    1 ? 
ATOM   79  N  N7    . G   A 1 4  ? -2.428  -3.808  -12.561 1.000 11.872 0 4   G   A N7    1 ? 
ATOM   80  C  C5    . G   A 1 4  ? -1.327  -4.488  -13.065 1.000 10.524 0 4   G   A C5    1 ? 
ATOM   81  C  C6    . G   A 1 4  ? -0.049  -3.992  -13.405 1.000 9.732  0 4   G   A C6    1 ? 
ATOM   82  O  O6    . G   A 1 4  ? 0.387   -2.843  -13.295 1.000 11.899 0 4   G   A O6    1 ? 
ATOM   83  N  N1    . G   A 1 4  ? 0.787   -5.024  -13.841 1.000 9.413  0 4   G   A N1    1 ? 
ATOM   84  C  C2    . G   A 1 4  ? 0.437   -6.353  -13.876 1.000 9.356  0 4   G   A C2    1 ? 
ATOM   85  N  N2    . G   A 1 4  ? 1.354   -7.236  -14.294 1.000 8.563  0 4   G   A N2    1 ? 
ATOM   86  N  N3    . G   A 1 4  ? -0.776  -6.822  -13.605 1.000 9.307  0 4   G   A N3    1 ? 
ATOM   87  C  C4    . G   A 1 4  ? -1.595  -5.833  -13.160 1.000 9.937  0 4   G   A C4    1 ? 
HETATM 88  P  P     . N6G A 1 5  ? -3.065  -8.243  -8.133  1.000 12.860 0 5   N6G A P     1 ? 
HETATM 89  O  OP1   . N6G A 1 5  ? -3.501  -9.080  -6.971  1.000 15.602 0 5   N6G A OP1   1 ? 
HETATM 90  O  OP2   . N6G A 1 5  ? -2.839  -6.866  -7.775  1.000 14.437 0 5   N6G A OP2   1 ? 
HETATM 91  O  "O5'" . N6G A 1 5  ? -1.620  -8.840  -8.764  1.000 11.101 0 5   N6G A "O5'" 1 ? 
HETATM 92  C  "C5'" . N6G A 1 5  ? -1.478  -10.195 -8.838  1.000 10.416 0 5   N6G A "C5'" 1 ? 
HETATM 93  C  "C4'" . N6G A 1 5  ? -0.045  -10.450 -9.100  1.000 9.555  0 5   N6G A "C4'" 1 ? 
HETATM 94  O  "O4'" . N6G A 1 5  ? 0.379   -9.971  -10.468 1.000 10.657 0 5   N6G A "O4'" 1 ? 
HETATM 95  C  "C1'" . N6G A 1 5  ? 1.772   -9.430  -10.354 1.000 9.446  0 5   N6G A "C1'" 1 ? 
HETATM 96  N  N9    . N6G A 1 5  ? 1.747   -8.008  -10.565 1.000 9.805  0 5   N6G A N9    1 ? 
HETATM 97  C  C4    . N6G A 1 5  ? 2.838   -7.279  -10.860 1.000 8.937  0 5   N6G A C4    1 ? 
HETATM 98  N  N3    . N6G A 1 5  ? 4.043   -7.770  -11.147 1.000 8.420  0 5   N6G A N3    1 ? 
HETATM 99  C  C2    . N6G A 1 5  ? 4.910   -6.734  -11.345 1.000 8.155  0 5   N6G A C2    1 ? 
HETATM 100 N  N2    . N6G A 1 5  ? 6.246   -7.034  -11.656 1.000 8.488  0 5   N6G A N2    1 ? 
HETATM 101 N  N1    . N6G A 1 5  ? 4.569   -5.424  -11.461 1.000 8.028  0 5   N6G A N1    1 ? 
HETATM 102 C  C6    . N6G A 1 5  ? 3.337   -4.998  -11.254 1.000 8.379  0 5   N6G A C6    1 ? 
HETATM 103 N  N6    . N6G A 1 5  ? 3.049   -3.639  -11.347 1.000 9.697  0 5   N6G A N6    1 ? 
HETATM 104 C  C5    . N6G A 1 5  ? 2.429   -5.942  -10.872 1.000 9.203  0 5   N6G A C5    1 ? 
HETATM 105 N  N7    . N6G A 1 5  ? 1.013   -5.918  -10.628 1.000 10.100 0 5   N6G A N7    1 ? 
HETATM 106 C  C8    . N6G A 1 5  ? 0.721   -7.179  -10.389 1.000 9.006  0 5   N6G A C8    1 ? 
HETATM 107 C  "C2'" . N6G A 1 5  ? 2.198   -9.843  -8.997  1.000 9.450  0 5   N6G A "C2'" 1 ? 
HETATM 108 O  "O2'" . N6G A 1 5  ? 2.687   -11.213 -9.025  1.000 9.427  0 5   N6G A "O2'" 1 ? 
HETATM 109 C  "C3'" . N6G A 1 5  ? 0.898   -9.773  -8.229  1.000 9.511  0 5   N6G A "C3'" 1 ? 
HETATM 110 O  "O3'" . N6G A 1 5  ? 0.977   -10.460 -6.895  1.000 8.777  0 5   N6G A "O3'" 1 ? 
ATOM   111 P  P     . A   A 1 6  ? 1.394   -9.634  -5.613  1.000 9.978  0 6   A   A P     1 ? 
ATOM   112 O  OP1   . A   A 1 6  ? 1.273   -10.730 -4.495  1.000 12.077 0 6   A   A OP1   1 ? 
ATOM   113 O  OP2   . A   A 1 6  ? 0.675   -8.354  -5.383  1.000 10.534 0 6   A   A OP2   1 ? 
ATOM   114 O  "O5'" . A   A 1 6  ? 2.886   -9.163  -5.718  1.000 9.116  0 6   A   A "O5'" 1 ? 
ATOM   115 C  "C5'" . A   A 1 6  ? 3.908   -10.188 -5.933  1.000 8.659  0 6   A   A "C5'" 1 ? 
ATOM   116 C  "C4'" . A   A 1 6  ? 5.203   -9.514  -6.289  1.000 9.103  0 6   A   A "C4'" 1 ? 
ATOM   117 O  "O4'" . A   A 1 6  ? 5.001   -8.881  -7.575  1.000 9.056  0 6   A   A "O4'" 1 ? 
ATOM   118 C  "C3'" . A   A 1 6  ? 5.627   -8.347  -5.409  1.000 9.489  0 6   A   A "C3'" 1 ? 
ATOM   119 O  "O3'" . A   A 1 6  ? 6.363   -8.738  -4.265  1.000 10.507 0 6   A   A "O3'" 1 ? 
ATOM   120 C  "C2'" . A   A 1 6  ? 6.557   -7.592  -6.353  1.000 9.790  0 6   A   A "C2'" 1 ? 
ATOM   121 O  "O2'" . A   A 1 6  ? 7.781   -8.252  -6.484  1.000 9.450  0 6   A   A "O2'" 1 ? 
ATOM   122 C  "C1'" . A   A 1 6  ? 5.776   -7.703  -7.654  1.000 9.132  0 6   A   A "C1'" 1 ? 
ATOM   123 N  N9    . A   A 1 6  ? 4.880   -6.569  -7.805  1.000 9.378  0 6   A   A N9    1 ? 
ATOM   124 C  C8    . A   A 1 6  ? 3.548   -6.507  -7.514  1.000 9.170  0 6   A   A C8    1 ? 
ATOM   125 N  N7    . A   A 1 6  ? 3.027   -5.312  -7.632  1.000 9.490  0 6   A   A N7    1 ? 
ATOM   126 C  C5    . A   A 1 6  ? 4.100   -4.525  -8.035  1.000 8.553  0 6   A   A C5    1 ? 
ATOM   127 C  C6    . A   A 1 6  ? 4.191   -3.170  -8.381  1.000 9.443  0 6   A   A C6    1 ? 
ATOM   128 N  N6    . A   A 1 6  ? 3.189   -2.335  -8.297  1.000 8.222  0 6   A   A N6    1 ? 
ATOM   129 N  N1    . A   A 1 6  ? 5.395   -2.696  -8.709  1.000 8.819  0 6   A   A N1    1 ? 
ATOM   130 C  C2    . A   A 1 6  ? 6.425   -3.545  -8.768  1.000 9.249  0 6   A   A C2    1 ? 
ATOM   131 N  N3    . A   A 1 6  ? 6.463   -4.841  -8.499  1.000 9.522  0 6   A   A N3    1 ? 
ATOM   132 C  C4    . A   A 1 6  ? 5.246   -5.274  -8.134  1.000 9.179  0 6   A   A C4    1 ? 
ATOM   133 P  P     . G   A 1 7  ? 6.217   -7.935  -2.877  1.000 11.339 0 7   G   A P     1 ? 
ATOM   134 O  OP1   . G   A 1 7  ? 6.943   -8.725  -1.821  1.000 11.895 0 7   G   A OP1   1 ? 
ATOM   135 O  OP2   . G   A 1 7  ? 4.814   -7.460  -2.707  1.000 11.393 0 7   G   A OP2   1 ? 
ATOM   136 O  "O5'" . G   A 1 7  ? 7.080   -6.611  -3.134  1.000 11.632 0 7   G   A "O5'" 1 ? 
ATOM   137 C  "C5'" . G   A 1 7  ? 8.500   -6.699  -3.212  1.000 10.892 0 7   G   A "C5'" 1 ? 
ATOM   138 C  "C4'" . G   A 1 7  ? 9.046   -5.379  -3.701  1.000 11.813 0 7   G   A "C4'" 1 ? 
ATOM   139 O  "O4'" . G   A 1 7  ? 8.488   -5.026  -4.986  1.000 10.964 0 7   G   A "O4'" 1 ? 
ATOM   140 C  "C3'" . G   A 1 7  ? 8.783   -4.127  -2.869  1.000 10.857 0 7   G   A "C3'" 1 ? 
ATOM   141 O  "O3'" . G   A 1 7  ? 9.628   -4.192  -1.734  1.000 12.536 0 7   G   A "O3'" 1 ? 
ATOM   142 C  "C2'" . G   A 1 7  ? 9.144   -3.060  -3.897  1.000 9.798  0 7   G   A "C2'" 1 ? 
ATOM   143 O  "O2'" . G   A 1 7  ? 10.544  -3.070  -4.096  1.000 9.211  0 7   G   A "O2'" 1 ? 
ATOM   144 C  "C1'" . G   A 1 7  ? 8.397   -3.600  -5.103  1.000 10.031 0 7   G   A "C1'" 1 ? 
ATOM   145 N  N9    . G   A 1 7  ? 7.008   -3.139  -5.170  1.000 9.428  0 7   G   A N9    1 ? 
ATOM   146 C  C8    . G   A 1 7  ? 5.857   -3.802  -4.861  1.000 9.693  0 7   G   A C8    1 ? 
ATOM   147 N  N7    . G   A 1 7  ? 4.769   -3.086  -5.005  1.000 9.664  0 7   G   A N7    1 ? 
ATOM   148 C  C5    . G   A 1 7  ? 5.233   -1.835  -5.402  1.000 9.154  0 7   G   A C5    1 ? 
ATOM   149 C  C6    . G   A 1 7  ? 4.526   -0.629  -5.637  1.000 9.348  0 7   G   A C6    1 ? 
ATOM   150 O  O6    . G   A 1 7  ? 3.297   -0.458  -5.639  1.000 11.313 0 7   G   A O6    1 ? 
ATOM   151 N  N1    . G   A 1 7  ? 5.393   0.405   -5.980  1.000 10.158 0 7   G   A N1    1 ? 
ATOM   152 C  C2    . G   A 1 7  ? 6.764   0.301   -6.000  1.000 8.980  0 7   G   A C2    1 ? 
ATOM   153 N  N2    . G   A 1 7  ? 7.451   1.410   -6.308  1.000 10.644 0 7   G   A N2    1 ? 
ATOM   154 N  N3    . G   A 1 7  ? 7.435   -0.819  -5.722  1.000 9.195  0 7   G   A N3    1 ? 
ATOM   155 C  C4    . G   A 1 7  ? 6.608   -1.849  -5.467  1.000 8.946  0 7   G   A C4    1 ? 
ATOM   156 P  P     . A   A 1 8  ? 9.312   -3.242  -0.461  1.000 14.379 0 8   A   A P     1 ? 
ATOM   157 O  OP1   . A   A 1 8  ? 10.341  -3.628  0.531   1.000 15.118 0 8   A   A OP1   1 ? 
ATOM   158 O  OP2   . A   A 1 8  ? 7.871   -3.320  -0.095  1.000 13.782 0 8   A   A OP2   1 ? 
ATOM   159 O  "O5'" . A   A 1 8  ? 9.491   -1.759  -0.991  1.000 15.159 0 8   A   A "O5'" 1 ? 
ATOM   160 C  "C5'" . A   A 1 8  ? 10.815  -1.258  -1.300  1.000 13.853 0 8   A   A "C5'" 1 ? 
ATOM   161 C  "C4'" . A   A 1 8  ? 10.689  0.190   -1.678  1.000 15.866 0 8   A   A "C4'" 1 ? 
ATOM   162 O  "O4'" . A   A 1 8  ? 9.851   0.365   -2.835  1.000 14.612 0 8   A   A "O4'" 1 ? 
ATOM   163 C  "C3'" . A   A 1 8  ? 10.013  1.085   -0.631  1.000 16.617 0 8   A   A "C3'" 1 ? 
ATOM   164 O  "O3'" . A   A 1 8  ? 10.947  1.424   0.378   1.000 18.768 0 8   A   A "O3'" 1 ? 
ATOM   165 C  "C2'" . A   A 1 8  ? 9.692   2.292   -1.498  1.000 15.881 0 8   A   A "C2'" 1 ? 
ATOM   166 O  "O2'" . A   A 1 8  ? 10.838  3.047   -1.831  1.000 18.757 0 8   A   A "O2'" 1 ? 
ATOM   167 C  "C1'" . A   A 1 8  ? 9.149   1.597   -2.735  1.000 14.638 0 8   A   A "C1'" 1 ? 
ATOM   168 N  N9    . A   A 1 8  ? 7.711   1.337   -2.669  1.000 12.057 0 8   A   A N9    1 ? 
ATOM   169 C  C8    . A   A 1 8  ? 7.113   0.155   -2.349  1.000 11.778 0 8   A   A C8    1 ? 
ATOM   170 N  N7    . A   A 1 8  ? 5.805   0.201   -2.439  1.000 10.202 0 8   A   A N7    1 ? 
ATOM   171 C  C5    . A   A 1 8  ? 5.529   1.486   -2.873  1.000 10.984 0 8   A   A C5    1 ? 
ATOM   172 C  C6    . A   A 1 8  ? 4.327   2.162   -3.134  1.000 11.985 0 8   A   A C6    1 ? 
ATOM   173 N  N6    . A   A 1 8  ? 3.132   1.568   -3.112  1.000 12.068 0 8   A   A N6    1 ? 
ATOM   174 N  N1    . A   A 1 8  ? 4.398   3.458   -3.524  1.000 12.020 0 8   A   A N1    1 ? 
ATOM   175 C  C2    . A   A 1 8  ? 5.593   4.043   -3.585  1.000 11.784 0 8   A   A C2    1 ? 
ATOM   176 N  N3    . A   A 1 8  ? 6.787   3.512   -3.355  1.000 11.358 0 8   A   A N3    1 ? 
ATOM   177 C  C4    . A   A 1 8  ? 6.697   2.220   -2.983  1.000 11.729 0 8   A   A C4    1 ? 
ATOM   178 P  P     . U   A 1 9  ? 10.475  1.636   1.899   1.000 20.374 0 9   U   A P     1 ? 
ATOM   179 O  OP1   . U   A 1 9  ? 11.716  1.653   2.731   1.000 26.109 0 9   U   A OP1   1 ? 
ATOM   180 O  OP2   . U   A 1 9  ? 9.286   0.845   2.328   1.000 21.683 0 9   U   A OP2   1 ? 
ATOM   181 O  "O5'" . U   A 1 9  ? 9.860   3.094   1.767   1.000 20.667 0 9   U   A "O5'" 1 ? 
ATOM   182 C  "C5'" . U   A 1 9  ? 10.726  4.220   1.529   1.000 20.365 0 9   U   A "C5'" 1 ? 
ATOM   183 C  "C4'" . U   A 1 9  ? 9.864   5.406   1.178   1.000 22.539 0 9   U   A "C4'" 1 ? 
ATOM   184 O  "O4'" . U   A 1 9  ? 9.085   5.120   -0.018  1.000 18.067 0 9   U   A "O4'" 1 ? 
ATOM   185 C  "C3'" . U   A 1 9  ? 8.796   5.814   2.197   1.000 22.744 0 9   U   A "C3'" 1 ? 
ATOM   186 O  "O3'" . U   A 1 9  ? 9.333   6.571   3.276   1.000 27.601 0 9   U   A "O3'" 1 ? 
ATOM   187 C  "C2'" . U   A 1 9  ? 7.875   6.646   1.300   1.000 19.792 0 9   U   A "C2'" 1 ? 
ATOM   188 O  "O2'" . U   A 1 9  ? 8.427   7.879   0.890   1.000 21.423 0 9   U   A "O2'" 1 ? 
ATOM   189 C  "C1'" . U   A 1 9  ? 7.820   5.768   0.053   1.000 16.229 0 9   U   A "C1'" 1 ? 
ATOM   190 N  N1    . U   A 1 9  ? 6.741   4.753   0.119   1.000 14.235 0 9   U   A N1    1 ? 
ATOM   191 C  C2    . U   A 1 9  ? 5.482   5.151   -0.277  1.000 12.815 0 9   U   A C2    1 ? 
ATOM   192 O  O2    . U   A 1 9  ? 5.218   6.279   -0.645  1.000 14.913 0 9   U   A O2    1 ? 
ATOM   193 N  N3    . U   A 1 9  ? 4.526   4.158   -0.263  1.000 12.242 0 9   U   A N3    1 ? 
ATOM   194 C  C4    . U   A 1 9  ? 4.704   2.852   0.118   1.000 11.123 0 9   U   A C4    1 ? 
ATOM   195 O  O4    . U   A 1 9  ? 3.739   2.094   0.080   1.000 12.843 0 9   U   A O4    1 ? 
ATOM   196 C  C5    . U   A 1 9  ? 6.030   2.529   0.554   1.000 11.885 0 9   U   A C5    1 ? 
ATOM   197 C  C6    . U   A 1 9  ? 6.972   3.485   0.570   1.000 12.906 0 9   U   A C6    1 ? 
ATOM   198 P  P     . C   A 1 10 ? 8.639   6.551   4.728   1.000 26.993 0 10  C   A P     1 ? 
ATOM   199 O  OP1   . C   A 1 10 ? 9.701   7.193   5.560   1.000 34.288 0 10  C   A OP1   1 ? 
ATOM   200 O  OP2   . C   A 1 10 ? 8.053   5.254   5.176   1.000 27.908 0 10  C   A OP2   1 ? 
ATOM   201 O  "O5'" . C   A 1 10 ? 7.307   7.429   4.599   1.000 24.479 0 10  C   A "O5'" 1 ? 
ATOM   202 C  "C5'" . C   A 1 10 ? 7.352   8.775   4.095   1.000 22.404 0 10  C   A "C5'" 1 ? 
ATOM   203 C  "C4'" . C   A 1 10 ? 5.987   9.176   3.597   1.000 19.389 0 10  C   A "C4'" 1 ? 
ATOM   204 O  "O4'" . C   A 1 10 ? 5.567   8.277   2.544   1.000 17.347 0 10  C   A "O4'" 1 ? 
ATOM   205 C  "C3'" . C   A 1 10 ? 4.797   9.096   4.558   1.000 18.476 0 10  C   A "C3'" 1 ? 
ATOM   206 O  "O3'" . C   A 1 10 ? 4.643   10.221  5.411   1.000 17.722 0 10  C   A "O3'" 1 ? 
ATOM   207 C  "C2'" . C   A 1 10 ? 3.638   9.156   3.565   1.000 15.749 0 10  C   A "C2'" 1 ? 
ATOM   208 O  "O2'" . C   A 1 10 ? 3.416   10.424  2.976   1.000 14.688 0 10  C   A "O2'" 1 ? 
ATOM   209 C  "C1'" . C   A 1 10 ? 4.156   8.203   2.481   1.000 15.467 0 10  C   A "C1'" 1 ? 
ATOM   210 N  N1    . C   A 1 10 ? 3.728   6.778   2.641   1.000 12.852 0 10  C   A N1    1 ? 
ATOM   211 C  C2    . C   A 1 10 ? 2.409   6.484   2.259   1.000 9.993  0 10  C   A C2    1 ? 
ATOM   212 O  O2    . C   A 1 10 ? 1.724   7.386   1.800   1.000 12.051 0 10  C   A O2    1 ? 
ATOM   213 N  N3    . C   A 1 10 ? 1.981   5.189   2.289   1.000 10.724 0 10  C   A N3    1 ? 
ATOM   214 C  C4    . C   A 1 10 ? 2.788   4.231   2.754   1.000 10.852 0 10  C   A C4    1 ? 
ATOM   215 N  N4    . C   A 1 10 ? 2.325   3.007   2.804   1.000 12.837 0 10  C   A N4    1 ? 
ATOM   216 C  C5    . C   A 1 10 ? 4.114   4.516   3.189   1.000 12.093 0 10  C   A C5    1 ? 
ATOM   217 C  C6    . C   A 1 10 ? 4.535   5.793   3.082   1.000 11.354 0 10  C   A C6    1 ? 
ATOM   218 P  P     . U   A 1 11 ? 3.900   10.074  6.816   1.000 17.658 0 11  U   A P     1 ? 
ATOM   219 O  OP1   . U   A 1 11 ? 4.212   11.399  7.436   1.000 19.632 0 11  U   A OP1   1 ? 
ATOM   220 O  OP2   . U   A 1 11 ? 4.162   8.836   7.576   1.000 16.258 0 11  U   A OP2   1 ? 
ATOM   221 O  "O5'" . U   A 1 11 ? 2.331   10.113  6.494   1.000 15.099 0 11  U   A "O5'" 1 ? 
ATOM   222 C  "C5'" . U   A 1 11 ? 1.758   11.283  5.936   1.000 12.860 0 11  U   A "C5'" 1 ? 
ATOM   223 C  "C4'" . U   A 1 11 ? 0.307   11.008  5.661   1.000 12.830 0 11  U   A "C4'" 1 ? 
ATOM   224 O  "O4'" . U   A 1 11 ? 0.178   9.929   4.681   1.000 12.297 0 11  U   A "O4'" 1 ? 
ATOM   225 C  "C3'" . U   A 1 11 ? -0.501  10.484  6.841   1.000 12.984 0 11  U   A "C3'" 1 ? 
ATOM   226 O  "O3'" . U   A 1 11 ? -0.962  11.547  7.675   1.000 13.210 0 11  U   A "O3'" 1 ? 
ATOM   227 C  "C2'" . U   A 1 11 ? -1.694  9.877   6.114   1.000 11.011 0 11  U   A "C2'" 1 ? 
ATOM   228 O  "O2'" . U   A 1 11 ? -2.545  10.827  5.507   1.000 10.841 0 11  U   A "O2'" 1 ? 
ATOM   229 C  "C1'" . U   A 1 11 ? -0.972  9.156   4.972   1.000 10.998 0 11  U   A "C1'" 1 ? 
ATOM   230 N  N1    . U   A 1 11 ? -0.536  7.764   5.213   1.000 9.917  0 11  U   A N1    1 ? 
ATOM   231 C  C2    . U   A 1 11 ? -1.524  6.804   5.074   1.000 9.104  0 11  U   A C2    1 ? 
ATOM   232 O  O2    . U   A 1 11 ? -2.694  7.107   4.886   1.000 9.942  0 11  U   A O2    1 ? 
ATOM   233 N  N3    . U   A 1 11 ? -1.077  5.507   5.162   1.000 9.381  0 11  U   A N3    1 ? 
ATOM   234 C  C4    . U   A 1 11 ? 0.237   5.072   5.261   1.000 9.685  0 11  U   A C4    1 ? 
ATOM   235 O  O4    . U   A 1 11 ? 0.489   3.865   5.336   1.000 11.233 0 11  U   A O4    1 ? 
ATOM   236 C  C5    . U   A 1 11 ? 1.196   6.134   5.476   1.000 9.952  0 11  U   A C5    1 ? 
ATOM   237 C  C6    . U   A 1 11 ? 0.780   7.414   5.401   1.000 10.261 0 11  U   A C6    1 ? 
ATOM   238 P  P     . C   A 1 12 ? -0.963  11.309  9.248   1.000 14.202 0 12  C   A P     1 ? 
ATOM   239 O  OP1   . C   A 1 12 ? -1.409  12.635  9.805   1.000 16.740 0 12  C   A OP1   1 ? 
ATOM   240 O  OP2   . C   A 1 12 ? 0.138   10.521  9.806   1.000 13.557 0 12  C   A OP2   1 ? 
ATOM   241 O  "O5'" . C   A 1 12 ? -2.235  10.322  9.522   1.000 11.706 0 12  C   A "O5'" 1 ? 
ATOM   242 C  "C5'" . C   A 1 12 ? -3.576  10.743  9.197   1.000 11.848 0 12  C   A "C5'" 1 ? 
ATOM   243 C  "C4'" . C   A 1 12 ? -4.457  9.518   9.277   1.000 9.828  0 12  C   A "C4'" 1 ? 
ATOM   244 O  "O4'" . C   A 1 12 ? -4.109  8.641   8.177   1.000 9.750  0 12  C   A "O4'" 1 ? 
ATOM   245 C  "C3'" . C   A 1 12 ? -4.303  8.614   10.512  1.000 9.731  0 12  C   A "C3'" 1 ? 
ATOM   246 O  "O3'" . C   A 1 12 ? -4.960  9.110   11.664  1.000 10.041 0 12  C   A "O3'" 1 ? 
ATOM   247 C  "C2'" . C   A 1 12 ? -4.985  7.358   9.974   1.000 9.388  0 12  C   A "C2'" 1 ? 
ATOM   248 O  "O2'" . C   A 1 12 ? -6.379  7.516   9.878   1.000 9.222  0 12  C   A "O2'" 1 ? 
ATOM   249 C  "C1'" . C   A 1 12 ? -4.329  7.302   8.583   1.000 9.577  0 12  C   A "C1'" 1 ? 
ATOM   250 N  N1    . C   A 1 12 ? -3.045  6.539   8.587   1.000 9.621  0 12  C   A N1    1 ? 
ATOM   251 C  C2    . C   A 1 12 ? -3.140  5.158   8.415   1.000 9.207  0 12  C   A C2    1 ? 
ATOM   252 O  O2    . C   A 1 12 ? -4.262  4.671   8.357   1.000 9.281  0 12  C   A O2    1 ? 
ATOM   253 N  N3    . C   A 1 12 ? -2.013  4.410   8.404   1.000 9.338  0 12  C   A N3    1 ? 
ATOM   254 C  C4    . C   A 1 12 ? -0.827  4.997   8.483   1.000 10.529 0 12  C   A C4    1 ? 
ATOM   255 N  N4    . C   A 1 12 ? 0.232   4.227   8.480   1.000 11.220 0 12  C   A N4    1 ? 
ATOM   256 C  C5    . C   A 1 12 ? -0.699  6.385   8.665   1.000 9.489  0 12  C   A C5    1 ? 
ATOM   257 C  C6    . C   A 1 12 ? -1.819  7.125   8.744   1.000 9.197  0 12  C   A C6    1 ? 
ATOM   258 P  P     . C   A 1 13 ? -4.537  8.713   13.130  1.000 10.114 0 13  C   A P     1 ? 
ATOM   259 O  OP1   . C   A 1 13 ? -5.209  9.725   14.015  1.000 11.916 0 13  C   A OP1   1 ? 
ATOM   260 O  OP2   . C   A 1 13 ? -3.070  8.582   13.250  1.000 11.692 0 13  C   A OP2   1 ? 
ATOM   261 O  "O5'" . C   A 1 13 ? -5.171  7.265   13.359  1.000 10.082 0 13  C   A "O5'" 1 ? 
ATOM   262 C  "C5'" . C   A 1 13 ? -6.611  7.095   13.425  1.000 9.107  0 13  C   A "C5'" 1 ? 
ATOM   263 C  "C4'" . C   A 1 13 ? -6.962  5.643   13.263  1.000 8.772  0 13  C   A "C4'" 1 ? 
ATOM   264 O  "O4'" . C   A 1 13 ? -6.350  5.162   12.035  1.000 8.207  0 13  C   A "O4'" 1 ? 
ATOM   265 C  "C3'" . C   A 1 13 ? -6.462  4.665   14.332  1.000 8.606  0 13  C   A "C3'" 1 ? 
ATOM   266 O  "O3'" . C   A 1 13 ? -7.243  4.697   15.522  1.000 8.631  0 13  C   A "O3'" 1 ? 
ATOM   267 C  "C2'" . C   A 1 13 ? -6.608  3.348   13.559  1.000 8.572  0 13  C   A "C2'" 1 ? 
ATOM   268 O  "O2'" . C   A 1 13 ? -7.969  2.948   13.468  1.000 9.737  0 13  C   A "O2'" 1 ? 
ATOM   269 C  "C1'" . C   A 1 13 ? -6.091  3.786   12.195  1.000 8.365  0 13  C   A "C1'" 1 ? 
ATOM   270 N  N1    . C   A 1 13 ? -4.633  3.584   11.992  1.000 7.763  0 13  C   A N1    1 ? 
ATOM   271 C  C2    . C   A 1 13 ? -4.256  2.315   11.580  1.000 8.177  0 13  C   A C2    1 ? 
ATOM   272 O  O2    . C   A 1 13 ? -5.122  1.428   11.492  1.000 8.784  0 13  C   A O2    1 ? 
ATOM   273 N  N3    . C   A 1 13 ? -2.933  2.080   11.395  1.000 7.459  0 13  C   A N3    1 ? 
ATOM   274 C  C4    . C   A 1 13 ? -2.058  3.083   11.501  1.000 8.228  0 13  C   A C4    1 ? 
ATOM   275 N  N4    . C   A 1 13 ? -0.795  2.833   11.247  1.000 8.409  0 13  C   A N4    1 ? 
ATOM   276 C  C5    . C   A 1 13 ? -2.438  4.365   11.927  1.000 7.829  0 13  C   A C5    1 ? 
ATOM   277 C  C6    . C   A 1 13 ? -3.731  4.568   12.203  1.000 8.456  0 13  C   A C6    1 ? 
ATOM   278 P  P     . U   A 1 14 ? -6.591  4.222   16.908  1.000 9.878  0 14  U   A P     1 ? 
ATOM   279 O  OP1   . U   A 1 14 ? -7.574  4.615   17.955  1.000 9.578  0 14  U   A OP1   1 ? 
ATOM   280 O  OP2   . U   A 1 14 ? -5.186  4.696   17.058  1.000 11.254 0 14  U   A OP2   1 ? 
ATOM   281 O  "O5'" . U   A 1 14 ? -6.477  2.615   16.809  1.000 8.850  0 14  U   A "O5'" 1 ? 
ATOM   282 C  "C5'" . U   A 1 14 ? -7.670  1.816   16.916  1.000 9.080  0 14  U   A "C5'" 1 ? 
ATOM   283 C  "C4'" . U   A 1 14 ? -7.305  0.366   16.691  1.000 8.746  0 14  U   A "C4'" 1 ? 
ATOM   284 O  "O4'" . U   A 1 14 ? -6.722  0.144   15.371  1.000 8.820  0 14  U   A "O4'" 1 ? 
ATOM   285 C  "C3'" . U   A 1 14 ? -6.258  -0.225  17.638  1.000 8.989  0 14  U   A "C3'" 1 ? 
ATOM   286 O  "O3'" . U   A 1 14 ? -6.842  -0.456  18.889  1.000 9.786  0 14  U   A "O3'" 1 ? 
ATOM   287 C  "C2'" . U   A 1 14 ? -5.939  -1.505  16.849  1.000 9.514  0 14  U   A "C2'" 1 ? 
ATOM   288 O  "O2'" . U   A 1 14 ? -7.033  -2.407  16.960  1.000 9.661  0 14  U   A "O2'" 1 ? 
ATOM   289 C  "C1'" . U   A 1 14 ? -5.771  -0.905  15.470  1.000 9.029  0 14  U   A "C1'" 1 ? 
ATOM   290 N  N1    . U   A 1 14 ? -4.436  -0.337  15.195  1.000 8.558  0 14  U   A N1    1 ? 
ATOM   291 C  C2    . U   A 1 14 ? -3.451  -1.237  14.832  1.000 8.264  0 14  U   A C2    1 ? 
ATOM   292 O  O2    . U   A 1 14 ? -3.639  -2.438  14.879  1.000 10.129 0 14  U   A O2    1 ? 
ATOM   293 N  N3    . U   A 1 14 ? -2.248  -0.696  14.474  1.000 8.523  0 14  U   A N3    1 ? 
ATOM   294 C  C4    . U   A 1 14 ? -1.933  0.640   14.381  1.000 8.588  0 14  U   A C4    1 ? 
ATOM   295 O  O4    . U   A 1 14 ? -0.829  1.015   13.987  1.000 10.447 0 14  U   A O4    1 ? 
ATOM   296 C  C5    . U   A 1 14 ? -2.988  1.519   14.788  1.000 8.425  0 14  U   A C5    1 ? 
ATOM   297 C  C6    . U   A 1 14 ? -4.182  1.013   15.145  1.000 9.168  0 14  U   A C6    1 ? 
ATOM   298 P  P     . C   A 1 15 ? -5.947  -0.675  20.214  1.000 11.726 0 15  C   A P     1 ? 
ATOM   299 O  OP1   . C   A 1 15 ? -6.920  -0.877  21.300  1.000 12.319 0 15  C   A OP1   1 ? 
ATOM   300 O  OP2   . C   A 1 15 ? -4.901  0.376   20.307  1.000 12.317 0 15  C   A OP2   1 ? 
ATOM   301 O  "O5'" . C   A 1 15 ? -5.111  -2.033  20.001  1.000 13.150 0 15  C   A "O5'" 1 ? 
ATOM   302 C  "C5'" . C   A 1 15 ? -5.740  -3.316  19.898  1.000 14.693 0 15  C   A "C5'" 1 ? 
ATOM   303 C  "C4'" . C   A 1 15 ? -4.700  -4.309  19.406  1.000 14.936 0 15  C   A "C4'" 1 ? 
ATOM   304 O  "O4'" . C   A 1 15 ? -4.124  -3.871  18.149  1.000 15.776 0 15  C   A "O4'" 1 ? 
ATOM   305 C  "C3'" . C   A 1 15 ? -3.456  -4.447  20.296  1.000 17.880 0 15  C   A "C3'" 1 ? 
ATOM   306 O  "O3'" . C   A 1 15 ? -3.699  -5.294  21.385  1.000 18.562 0 15  C   A "O3'" 1 ? 
ATOM   307 C  "C2'" . C   A 1 15 ? -2.446  -5.046  19.344  1.000 17.439 0 15  C   A "C2'" 1 ? 
ATOM   308 O  "O2'" . C   A 1 15 ? -2.689  -6.385  18.977  1.000 19.770 0 15  C   A "O2'" 1 ? 
ATOM   309 C  "C1'" . C   A 1 15 ? -2.756  -4.244  18.096  1.000 16.359 0 15  C   A "C1'" 1 ? 
ATOM   310 N  N1    . C   A 1 15 ? -1.932  -3.028  17.946  1.000 13.092 0 15  C   A N1    1 ? 
ATOM   311 C  C2    . C   A 1 15 ? -0.637  -3.154  17.415  1.000 12.140 0 15  C   A C2    1 ? 
ATOM   312 O  O2    . C   A 1 15 ? -0.223  -4.286  17.093  1.000 17.051 0 15  C   A O2    1 ? 
ATOM   313 N  N3    . C   A 1 15 ? 0.060   -2.056  17.088  1.000 12.195 0 15  C   A N3    1 ? 
ATOM   314 C  C4    . C   A 1 15 ? -0.415  -0.846  17.364  1.000 11.281 0 15  C   A C4    1 ? 
ATOM   315 N  N4    . C   A 1 15 ? 0.325   0.188   17.064  1.000 13.245 0 15  C   A N4    1 ? 
ATOM   316 C  C5    . C   A 1 15 ? -1.711  -0.683  17.943  1.000 11.232 0 15  C   A C5    1 ? 
ATOM   317 C  C6    . C   A 1 15 ? -2.421  -1.777  18.238  1.000 11.289 0 15  C   A C6    1 ? 
ATOM   318 P  P     . U   A 1 16 ? -3.146  -4.971  22.862  1.000 24.447 0 16  U   A P     1 ? 
ATOM   319 O  OP1   . U   A 1 16 ? -3.777  -5.850  23.890  1.000 25.483 0 16  U   A OP1   1 ? 
ATOM   320 O  OP2   . U   A 1 16 ? -3.143  -3.492  23.089  1.000 22.461 0 16  U   A OP2   1 ? 
ATOM   321 O  "O5'" . U   A 1 16 ? -1.651  -5.364  22.557  1.000 19.556 0 16  U   A "O5'" 1 ? 
ATOM   322 C  "C5'" . U   A 1 16 ? -1.379  -6.721  22.119  1.000 22.990 0 16  U   A "C5'" 1 ? 
ATOM   323 C  "C4'" . U   A 1 16 ? 0.101   -6.900  21.942  1.000 22.078 0 16  U   A "C4'" 1 ? 
ATOM   324 O  "O4'" . U   A 1 16 ? 0.552   -6.374  20.668  1.000 21.577 0 16  U   A "O4'" 1 ? 
ATOM   325 C  "C3'" . U   A 1 16 ? 0.977   -6.174  22.980  1.000 23.301 0 16  U   A "C3'" 1 ? 
ATOM   326 O  "O3'" . U   A 1 16 ? 1.015   -6.835  24.244  1.000 25.109 0 16  U   A "O3'" 1 ? 
ATOM   327 C  "C2'" . U   A 1 16 ? 2.306   -6.193  22.231  1.000 21.931 0 16  U   A "C2'" 1 ? 
ATOM   328 O  "O2'" . U   A 1 16 ? 2.825   -7.499  22.287  1.000 25.585 0 16  U   A "O2'" 1 ? 
ATOM   329 C  "C1'" . U   A 1 16 ? 1.866   -5.868  20.794  1.000 21.560 0 16  U   A "C1'" 1 ? 
ATOM   330 N  N1    . U   A 1 16 ? 1.850   -4.414  20.480  1.000 19.000 0 16  U   A N1    1 ? 
ATOM   331 C  C2    . U   A 1 16 ? 2.980   -3.884  19.884  1.000 17.294 0 16  U   A C2    1 ? 
ATOM   332 O  O2    . U   A 1 16 ? 3.976   -4.526  19.640  1.000 20.188 0 16  U   A O2    1 ? 
ATOM   333 N  N3    . U   A 1 16 ? 2.928   -2.544  19.583  1.000 15.511 0 16  U   A N3    1 ? 
ATOM   334 C  C4    . U   A 1 16 ? 1.924   -1.686  19.959  1.000 15.414 0 16  U   A C4    1 ? 
ATOM   335 O  O4    . U   A 1 16 ? 2.020   -0.497  19.652  1.000 15.556 0 16  U   A O4    1 ? 
ATOM   336 C  C5    . U   A 1 16 ? 0.776   -2.310  20.533  1.000 14.294 0 16  U   A C5    1 ? 
ATOM   337 C  C6    . U   A 1 16 ? 0.788   -3.625  20.812  1.000 15.917 0 16  U   A C6    1 ? 
HETATM 338 MG MG    . MG  B 2 .  ? 10.326  2.567   -6.220  1.000 13.532 0 101 MG  A MG    1 ? 
HETATM 339 O  O     . HOH C 3 .  ? -9.807  -1.532  -17.179 1.000 33.971 0 201 HOH A O     1 ? 
HETATM 340 O  O     . HOH C 3 .  ? -8.206  3.996   -20.013 1.000 26.013 0 202 HOH A O     1 ? 
HETATM 341 O  O     . HOH C 3 .  ? 4.840   -1.373  -1.589  1.000 36.874 0 203 HOH A O     1 ? 
HETATM 342 O  O     . HOH C 3 .  ? -0.126  2.639   -21.391 1.000 33.689 0 204 HOH A O     1 ? 
HETATM 343 O  O     . HOH C 3 .  ? -0.068  0.366   -18.878 1.000 27.768 0 205 HOH A O     1 ? 
HETATM 344 O  O     . HOH C 3 .  ? 2.703   3.054   6.056   1.000 24.653 0 206 HOH A O     1 ? 
HETATM 345 O  O     . HOH C 3 .  ? -2.927  4.641   15.926  1.000 17.034 0 207 HOH A O     1 ? 
HETATM 346 O  O     . HOH C 3 .  ? -1.311  -9.743  -13.523 1.000 18.778 0 208 HOH A O     1 ? 
HETATM 347 O  O     . HOH C 3 .  ? -6.314  -7.018  -15.689 1.000 29.446 0 209 HOH A O     1 ? 
HETATM 348 O  O     . HOH C 3 .  ? 1.380   10.656  1.407   1.000 23.596 0 210 HOH A O     1 ? 
HETATM 349 O  O     . HOH C 3 .  ? 8.654   -6.229  -8.562  1.000 25.318 0 211 HOH A O     1 ? 
HETATM 350 O  O     . HOH C 3 .  ? 4.179   -0.468  0.229   1.000 17.290 0 212 HOH A O     1 ? 
HETATM 351 O  O     . HOH C 3 .  ? 1.644   -9.795  -13.852 1.000 17.407 0 213 HOH A O     1 ? 
HETATM 352 O  O     . HOH C 3 .  ? 13.378  2.894   -1.207  1.000 28.180 0 214 HOH A O     1 ? 
HETATM 353 O  O     . HOH C 3 .  ? -0.996  -4.656  -9.506  1.000 34.043 0 215 HOH A O     1 ? 
HETATM 354 O  O     . HOH C 3 .  ? -0.021  -6.441  -7.040  1.000 23.090 0 216 HOH A O     1 ? 
HETATM 355 O  O     . HOH C 3 .  ? 0.491   3.213   14.560  1.000 26.147 0 217 HOH A O     1 ? 
HETATM 356 O  O     . HOH C 3 .  ? 0.825   -3.888  -7.467  1.000 30.835 0 218 HOH A O     1 ? 
HETATM 357 O  O     . HOH C 3 .  ? -3.618  10.818  15.824  1.000 27.883 0 219 HOH A O     1 ? 
HETATM 358 O  O     . HOH C 3 .  ? 6.705   -9.673  0.643   1.000 26.411 0 220 HOH A O     1 ? 
HETATM 359 O  O     . HOH C 3 .  ? 10.097  -0.786  -5.589  1.000 10.453 0 221 HOH A O     1 ? 
HETATM 360 O  O     . HOH C 3 .  ? 4.454   -5.344  -1.119  1.000 26.207 0 222 HOH A O     1 ? 
HETATM 361 O  O     . HOH C 3 .  ? -5.976  12.229  13.422  1.000 16.955 0 223 HOH A O     1 ? 
HETATM 362 O  O     . HOH C 3 .  ? 2.081   8.446   9.232   1.000 29.961 0 224 HOH A O     1 ? 
HETATM 363 O  O     . HOH C 3 .  ? -8.428  1.805   -21.060 1.000 35.656 0 225 HOH A O     1 ? 
HETATM 364 O  O     . HOH C 3 .  ? 1.347   -1.409  -11.210 1.000 20.389 0 226 HOH A O     1 ? 
HETATM 365 O  O     . HOH C 3 .  ? -7.601  0.460   12.066  1.000 15.741 0 227 HOH A O     1 ? 
HETATM 366 O  O     . HOH C 3 .  ? 0.806   -1.529  -5.905  1.000 27.467 0 228 HOH A O     1 ? 
HETATM 367 O  O     . HOH C 3 .  ? -10.064 -5.772  -11.824 1.000 38.439 0 229 HOH A O     1 ? 
HETATM 368 O  O     . HOH C 3 .  ? -4.545  -8.048  20.081  1.000 32.871 0 230 HOH A O     1 ? 
HETATM 369 O  O     . HOH C 3 .  ? -2.021  6.832   15.058  1.000 30.915 0 231 HOH A O     1 ? 
HETATM 370 O  O     . HOH C 3 .  ? -5.299  7.449   4.123   1.000 12.613 0 232 HOH A O     1 ? 
HETATM 371 O  O     . HOH C 3 .  ? -2.381  -6.424  26.172  1.000 33.002 0 233 HOH A O     1 ? 
HETATM 372 O  O     . HOH C 3 .  ? 9.393   -9.737  -4.843  0.330 9.616  0 234 HOH A O     1 ? 
HETATM 373 O  O     . HOH C 3 .  ? 2.188   -3.753  -4.356  1.000 18.855 0 235 HOH A O     1 ? 
HETATM 374 O  O     . HOH C 3 .  ? -7.689  5.949   20.355  1.000 32.607 0 236 HOH A O     1 ? 
HETATM 375 O  O     . HOH C 3 .  ? 8.530   5.502   -4.099  1.000 31.057 0 237 HOH A O     1 ? 
HETATM 376 O  O     . HOH C 3 .  ? 5.631   -3.010  -1.660  1.000 15.143 0 238 HOH A O     1 ? 
HETATM 377 O  O     . HOH C 3 .  ? -4.842  -11.340 -10.678 1.000 24.712 0 239 HOH A O     1 ? 
HETATM 378 O  O     . HOH C 3 .  ? 2.418   -6.580  -3.743  1.000 20.168 0 240 HOH A O     1 ? 
HETATM 379 O  O     . HOH C 3 .  ? -1.494  2.624   -17.855 1.000 36.840 0 241 HOH A O     1 ? 
HETATM 380 O  O     . HOH C 3 .  ? -9.281  -2.943  18.495  1.000 13.981 0 242 HOH A O     1 ? 
HETATM 381 O  O     . HOH C 3 .  ? 3.241   -9.496  -1.635  1.000 16.247 0 243 HOH A O     1 ? 
HETATM 382 O  O     . HOH C 3 .  ? -2.124  -1.042  -12.374 1.000 31.721 0 244 HOH A O     1 ? 
HETATM 383 O  O     . HOH C 3 .  ? -1.338  -7.981  -3.485  1.000 34.976 0 245 HOH A O     1 ? 
HETATM 384 O  O     . HOH C 3 .  ? 0.020   -10.748 -1.993  1.000 27.834 0 246 HOH A O     1 ? 
HETATM 385 O  O     . HOH C 3 .  ? -4.135  10.463  3.233   1.000 13.429 0 247 HOH A O     1 ? 
HETATM 386 O  O     . HOH C 3 .  ? -3.702  2.753   18.431  1.000 19.851 0 248 HOH A O     1 ? 
HETATM 387 O  O     . HOH C 3 .  ? -2.668  13.634  5.647   1.000 22.781 0 249 HOH A O     1 ? 
HETATM 388 O  O     . HOH C 3 .  ? -10.417 3.366   14.803  0.330 10.697 0 250 HOH A O     1 ? 
HETATM 389 O  O     . HOH C 3 .  ? -2.616  -1.123  21.652  1.000 21.627 0 251 HOH A O     1 ? 
HETATM 390 O  O     . HOH C 3 .  ? 9.672   -9.524  -1.715  0.330 12.997 0 252 HOH A O     1 ? 
HETATM 391 O  O     . HOH C 3 .  ? -10.042 3.652   19.010  0.330 11.150 0 253 HOH A O     1 ? 
HETATM 392 O  O     . HOH C 3 .  ? -0.901  -7.077  16.846  1.000 21.851 0 254 HOH A O     1 ? 
HETATM 393 O  O     . HOH C 3 .  ? 7.060   -0.869  1.187   1.000 25.804 0 255 HOH A O     1 ? 
HETATM 394 O  O     . HOH C 3 .  ? -0.650  7.971   11.796  1.000 31.068 0 256 HOH A O     1 ? 
HETATM 395 O  O     . HOH C 3 .  ? 0.156   -4.963  26.287  1.000 23.877 0 257 HOH A O     1 ? 
HETATM 396 O  O     . HOH C 3 .  ? -7.736  7.830   -17.683 1.000 28.225 0 258 HOH A O     1 ? 
HETATM 397 O  O     . HOH C 3 .  ? -0.055  1.324   20.612  1.000 26.590 0 259 HOH A O     1 ? 
HETATM 398 O  O     . HOH C 3 .  ? 10.884  5.764   -2.959  1.000 31.915 0 260 HOH A O     1 ? 
HETATM 399 O  O     . HOH C 3 .  ? 4.750   12.954  3.727   1.000 28.952 0 261 HOH A O     1 ? 
HETATM 400 O  O     . HOH C 3 .  ? 2.990   5.287   8.660   1.000 28.846 0 262 HOH A O     1 ? 
HETATM 401 O  O     . HOH C 3 .  ? -7.798  5.481   8.215   1.000 12.176 0 263 HOH A O     1 ? 
HETATM 402 O  O     . HOH C 3 .  ? 2.866   -1.320  -2.385  1.000 21.651 0 264 HOH A O     1 ? 
HETATM 403 O  O     . HOH C 3 .  ? -0.910  2.844   17.729  1.000 13.160 0 265 HOH A O     1 ? 
HETATM 404 O  O     . HOH C 3 .  ? 0.986   5.242   12.061  1.000 12.953 0 266 HOH A O     1 ? 
HETATM 405 O  O     . HOH C 3 .  ? 3.861   -8.979  24.845  1.000 22.593 0 267 HOH A O     1 ? 
HETATM 406 O  O     . HOH C 3 .  ? 4.391   0.999   4.112   1.000 17.604 0 268 HOH A O     1 ? 
HETATM 407 O  O     . HOH C 3 .  ? 0.997   0.364   -22.012 1.000 30.569 0 269 HOH A O     1 ? 
HETATM 408 O  O     . HOH C 3 .  ? -7.873  2.711   20.650  1.000 27.255 0 270 HOH A O     1 ? 
HETATM 409 O  O     . HOH C 3 .  ? -11.285 2.451   -13.280 1.000 31.465 0 271 HOH A O     1 ? 
HETATM 410 O  O     . HOH C 3 .  ? 12.679  2.113   -4.472  1.000 34.859 0 272 HOH A O     1 ? 
HETATM 411 O  O     . HOH C 3 .  ? -0.028  0.262   -14.995 1.000 32.965 0 273 HOH A O     1 ? 
HETATM 412 O  O     . HOH C 3 .  ? 4.532   5.594   6.576   1.000 25.292 0 274 HOH A O     1 ? 
HETATM 413 O  O     . HOH C 3 .  ? 4.433   9.595   -1.004  1.000 35.949 0 275 HOH A O     1 ? 
HETATM 414 O  O     . HOH C 3 .  ? -0.033  -0.645  -8.348  1.000 28.432 0 276 HOH A O     1 ? 
HETATM 415 O  O     . HOH C 3 .  ? -3.744  -6.971  15.351  1.000 27.143 0 277 HOH A O     1 ? 
HETATM 416 O  O     . HOH C 3 .  ? 0.880   -7.392  -1.523  1.000 27.851 0 278 HOH A O     1 ? 
HETATM 417 O  O     . HOH C 3 .  ? -8.613  -6.022  19.675  1.000 29.290 0 279 HOH A O     1 ? 
# 
